data_4YIG
#
_entry.id   4YIG
#
_cell.length_a   136.092
_cell.length_b   136.092
_cell.length_c   161.073
_cell.angle_alpha   90.00
_cell.angle_beta   90.00
_cell.angle_gamma   120.00
#
_symmetry.space_group_name_H-M   'P 65'
#
loop_
_entity.id
_entity.type
_entity.pdbx_description
1 polymer 'Uracil-DNA glycosylase'
2 polymer 'DNA polymerase processivity factor component A20'
3 polymer "DNA (5'-D(*CP*TP*GP*TP*(ORP)P*AP*TP*CP*TP*T)-3')"
4 polymer "DNA (5'-D(*AP*AP*GP*AP*TP*AP*AP*CP*AP*G)-3')"
5 non-polymer URACIL
6 water water
#
loop_
_entity_poly.entity_id
_entity_poly.type
_entity_poly.pdbx_seq_one_letter_code
_entity_poly.pdbx_strand_id
1 'polypeptide(L)'
;MGSSHHHHHHSQDPMNSVTVSHAPYTITYHDDWEPVMSQLVEFYNEVASWLLRDETSPIPDKFFIQLKQPLRNKRVCVCG
IDPYPKDGTGVPFESPNFTKKSIKEIASSISRLTGVIDYKGYNLNIIDGVIPWNYYLSCKLGETKSHAIYWDKISKLLLQ
HITKHVSVLYCLGKTDFSNIRAKLESPVTTIVGYHPAARDRQFEKDRSFEIINVLLELDNKVPINWAQGFIY
;
A,E,I
2 'polypeptide(L)' GAMASSADLTNLKELLSLYKSLRFSDSAAIEKYNSLVEWGTSTYWKIGVQKV B,F,J
3 'polydeoxyribonucleotide' (DC)(DT)(DG)(DT)(ORP)(DA)(DT)(DC)(DT)(DT) C,G,K
4 'polydeoxyribonucleotide' (DA)(DA)(DG)(DA)(DT)(DA)(DA)(DC)(DA)(DG) D,H,L
#
# COMPACT_ATOMS: atom_id res chain seq x y z
N ASP A 13 -23.96 20.25 -9.19
CA ASP A 13 -25.04 19.91 -10.18
C ASP A 13 -26.26 19.18 -9.54
N PRO A 14 -26.04 18.12 -8.71
CA PRO A 14 -27.06 17.78 -7.69
C PRO A 14 -26.73 18.31 -6.27
N MET A 15 -25.53 18.89 -6.10
CA MET A 15 -24.96 19.19 -4.77
C MET A 15 -25.12 20.63 -4.26
N ASN A 16 -26.17 20.80 -3.47
CA ASN A 16 -26.45 22.04 -2.75
C ASN A 16 -25.64 22.12 -1.44
N SER A 17 -25.39 23.33 -0.96
CA SER A 17 -24.80 23.55 0.37
C SER A 17 -25.84 24.20 1.27
N VAL A 18 -25.47 24.43 2.51
CA VAL A 18 -26.32 25.18 3.44
C VAL A 18 -25.37 25.50 4.55
N THR A 19 -25.62 26.51 5.37
CA THR A 19 -24.60 26.87 6.35
C THR A 19 -25.11 26.77 7.78
N VAL A 20 -24.17 26.60 8.71
CA VAL A 20 -24.44 26.46 10.14
C VAL A 20 -23.41 27.20 10.98
N SER A 21 -23.83 27.62 12.17
CA SER A 21 -23.03 28.38 13.15
C SER A 21 -21.69 27.77 13.46
N HIS A 22 -21.73 26.52 13.90
CA HIS A 22 -20.57 25.86 14.46
C HIS A 22 -19.98 24.91 13.46
N ALA A 23 -18.86 24.31 13.81
CA ALA A 23 -18.16 23.45 12.86
C ALA A 23 -19.08 22.28 12.50
N PRO A 24 -19.02 21.75 11.29
CA PRO A 24 -18.12 22.16 10.22
C PRO A 24 -18.65 23.30 9.28
N TYR A 25 -19.55 24.17 9.75
CA TYR A 25 -19.90 25.45 9.02
C TYR A 25 -20.73 25.29 7.75
N THR A 26 -20.20 24.63 6.73
CA THR A 26 -21.01 24.15 5.59
C THR A 26 -21.39 22.69 5.79
N ILE A 27 -22.59 22.34 5.31
CA ILE A 27 -23.02 20.97 5.08
C ILE A 27 -23.41 20.82 3.61
N THR A 28 -22.69 20.00 2.86
CA THR A 28 -23.12 19.65 1.51
C THR A 28 -24.08 18.48 1.50
N TYR A 29 -25.04 18.51 0.56
CA TYR A 29 -26.00 17.44 0.43
C TYR A 29 -26.51 17.29 -1.00
N HIS A 30 -27.24 16.20 -1.24
CA HIS A 30 -27.81 15.85 -2.55
C HIS A 30 -29.33 16.07 -2.47
N ASP A 31 -29.97 16.36 -3.62
CA ASP A 31 -31.35 16.92 -3.63
C ASP A 31 -32.34 16.08 -2.85
N ASP A 32 -32.22 14.76 -3.00
CA ASP A 32 -32.92 13.72 -2.23
C ASP A 32 -33.06 14.02 -0.75
N TRP A 33 -32.07 14.68 -0.15
CA TRP A 33 -32.18 15.18 1.24
C TRP A 33 -32.85 16.54 1.52
N GLU A 34 -33.28 17.28 0.49
CA GLU A 34 -33.70 18.71 0.65
C GLU A 34 -34.79 18.92 1.70
N PRO A 35 -35.77 18.00 1.76
CA PRO A 35 -36.87 18.18 2.72
C PRO A 35 -36.43 18.30 4.18
N VAL A 36 -35.33 17.67 4.55
CA VAL A 36 -34.93 17.69 5.96
C VAL A 36 -33.95 18.80 6.33
N MET A 37 -33.34 19.44 5.35
CA MET A 37 -32.22 20.37 5.66
C MET A 37 -32.57 21.54 6.55
N SER A 38 -33.76 22.08 6.44
CA SER A 38 -34.21 23.17 7.32
C SER A 38 -34.17 22.78 8.79
N GLN A 39 -34.91 21.73 9.16
CA GLN A 39 -34.99 21.34 10.59
C GLN A 39 -33.64 20.85 11.05
N LEU A 40 -32.88 20.19 10.16
CA LEU A 40 -31.55 19.76 10.52
C LEU A 40 -30.70 20.98 10.96
N VAL A 41 -30.67 22.04 10.15
CA VAL A 41 -29.89 23.21 10.49
C VAL A 41 -30.35 23.78 11.85
N GLU A 42 -31.65 23.89 12.02
CA GLU A 42 -32.19 24.46 13.23
C GLU A 42 -31.69 23.66 14.44
N PHE A 43 -31.77 22.34 14.27
CA PHE A 43 -31.44 21.39 15.37
C PHE A 43 -29.94 21.39 15.66
N TYR A 44 -29.14 21.33 14.60
CA TYR A 44 -27.70 21.24 14.74
C TYR A 44 -27.16 22.47 15.43
N ASN A 45 -27.77 23.63 15.15
CA ASN A 45 -27.37 24.86 15.84
C ASN A 45 -27.65 24.82 17.35
N GLU A 46 -28.78 24.25 17.76
CA GLU A 46 -29.10 24.17 19.20
C GLU A 46 -28.12 23.31 20.02
N VAL A 47 -27.40 22.36 19.38
CA VAL A 47 -26.57 21.35 20.12
C VAL A 47 -25.07 21.33 19.82
N ALA A 48 -24.69 21.76 18.61
CA ALA A 48 -23.33 21.66 18.12
C ALA A 48 -22.35 22.19 19.12
N SER A 49 -22.58 23.38 19.66
CA SER A 49 -21.61 23.91 20.62
C SER A 49 -21.31 22.83 21.67
N TRP A 50 -22.34 22.18 22.18
CA TRP A 50 -22.20 21.28 23.31
C TRP A 50 -21.44 20.05 22.93
N LEU A 51 -21.80 19.45 21.81
CA LEU A 51 -21.11 18.23 21.43
C LEU A 51 -19.64 18.47 21.03
N LEU A 52 -19.42 19.62 20.39
CA LEU A 52 -18.09 20.02 19.98
C LEU A 52 -17.14 20.22 21.16
N ARG A 53 -17.63 20.34 22.37
CA ARG A 53 -16.71 20.33 23.53
C ARG A 53 -15.78 19.16 23.60
N ASP A 54 -16.19 18.04 23.01
CA ASP A 54 -15.38 16.81 22.99
C ASP A 54 -14.67 16.61 21.64
N GLU A 55 -13.50 16.03 21.66
CA GLU A 55 -12.93 15.40 20.49
C GLU A 55 -13.88 14.25 20.09
N THR A 56 -14.06 14.02 18.78
CA THR A 56 -15.07 13.13 18.29
C THR A 56 -14.60 12.20 17.20
N SER A 57 -15.32 11.09 17.11
CA SER A 57 -15.17 10.18 16.00
C SER A 57 -16.53 10.20 15.32
N PRO A 58 -16.57 10.49 14.01
CA PRO A 58 -15.46 11.01 13.21
C PRO A 58 -15.15 12.47 13.53
N ILE A 59 -14.27 13.12 12.79
CA ILE A 59 -14.07 14.58 12.97
C ILE A 59 -15.31 15.38 12.43
N PRO A 60 -15.50 16.63 12.85
CA PRO A 60 -16.69 17.34 12.40
C PRO A 60 -16.89 17.54 10.89
N ASP A 61 -15.80 17.63 10.11
CA ASP A 61 -15.91 17.66 8.62
C ASP A 61 -16.53 16.42 7.97
N LYS A 62 -16.69 15.37 8.78
CA LYS A 62 -17.15 14.08 8.33
C LYS A 62 -18.53 13.69 8.91
N PHE A 63 -18.99 14.35 9.97
CA PHE A 63 -20.33 14.07 10.52
C PHE A 63 -21.35 13.87 9.37
N PHE A 64 -21.39 14.76 8.39
CA PHE A 64 -22.47 14.69 7.39
C PHE A 64 -22.16 14.09 6.04
N ILE A 65 -20.97 13.55 5.81
CA ILE A 65 -20.63 13.20 4.43
C ILE A 65 -21.56 12.21 3.79
N GLN A 66 -22.34 11.52 4.59
CA GLN A 66 -23.24 10.54 4.07
C GLN A 66 -24.50 11.18 3.47
N LEU A 67 -24.70 12.49 3.70
CA LEU A 67 -25.75 13.28 3.01
C LEU A 67 -25.54 13.51 1.52
N LYS A 68 -24.31 13.34 1.04
CA LYS A 68 -24.02 13.36 -0.38
C LYS A 68 -24.53 12.12 -1.13
N GLN A 69 -25.03 11.10 -0.43
CA GLN A 69 -25.60 9.94 -1.09
C GLN A 69 -27.04 10.20 -1.56
N PRO A 70 -27.39 9.72 -2.77
CA PRO A 70 -28.80 9.74 -3.09
C PRO A 70 -29.59 8.70 -2.32
N LEU A 71 -30.89 8.90 -2.21
CA LEU A 71 -31.81 7.92 -1.64
C LEU A 71 -32.67 7.18 -2.68
N ARG A 72 -33.09 7.86 -3.76
CA ARG A 72 -34.00 7.26 -4.74
C ARG A 72 -33.56 5.91 -5.36
N ASN A 73 -32.26 5.61 -5.42
CA ASN A 73 -31.79 4.28 -5.87
C ASN A 73 -31.59 3.24 -4.77
N LYS A 74 -31.93 3.62 -3.54
CA LYS A 74 -31.71 2.76 -2.36
C LYS A 74 -32.98 1.97 -1.94
N ARG A 75 -32.78 0.67 -1.70
CA ARG A 75 -33.81 -0.19 -1.21
C ARG A 75 -33.48 -0.88 0.13
N VAL A 76 -32.23 -0.83 0.58
CA VAL A 76 -31.85 -1.28 1.90
C VAL A 76 -31.02 -0.22 2.63
N CYS A 77 -31.43 0.11 3.86
CA CYS A 77 -30.59 0.86 4.81
C CYS A 77 -30.00 -0.07 5.88
N VAL A 78 -28.68 -0.07 6.00
CA VAL A 78 -27.97 -0.89 7.00
C VAL A 78 -27.50 0.10 8.05
N CYS A 79 -28.10 0.02 9.23
CA CYS A 79 -28.01 1.07 10.22
C CYS A 79 -27.31 0.63 11.48
N GLY A 80 -26.19 1.28 11.77
CA GLY A 80 -25.49 1.08 13.04
C GLY A 80 -25.89 2.16 14.02
N ILE A 81 -25.28 2.12 15.19
CA ILE A 81 -25.69 2.91 16.37
C ILE A 81 -25.05 4.31 16.32
N ASP A 82 -23.73 4.30 16.17
CA ASP A 82 -22.95 5.49 16.12
C ASP A 82 -21.58 5.16 15.57
N PRO A 83 -20.74 6.17 15.33
CA PRO A 83 -19.44 5.85 14.79
C PRO A 83 -18.59 4.97 15.67
N TYR A 84 -17.62 4.33 15.06
CA TYR A 84 -16.55 3.66 15.78
C TYR A 84 -16.10 4.55 16.93
N PRO A 85 -15.84 3.96 18.09
CA PRO A 85 -15.39 4.81 19.20
C PRO A 85 -14.12 5.57 18.83
N LYS A 86 -13.26 4.96 18.02
CA LYS A 86 -12.08 5.63 17.48
C LYS A 86 -11.97 5.52 15.95
N ASP A 87 -11.44 6.55 15.30
CA ASP A 87 -11.06 6.44 13.86
C ASP A 87 -12.25 6.32 12.89
N GLY A 88 -13.40 6.81 13.30
CA GLY A 88 -14.53 6.93 12.37
C GLY A 88 -14.19 7.85 11.21
N THR A 89 -14.68 7.48 10.04
CA THR A 89 -14.43 8.23 8.82
C THR A 89 -15.63 9.02 8.41
N GLY A 90 -16.75 8.86 9.10
CA GLY A 90 -18.01 9.45 8.59
C GLY A 90 -18.79 8.51 7.68
N VAL A 91 -18.21 7.41 7.21
CA VAL A 91 -19.01 6.38 6.48
C VAL A 91 -19.23 5.23 7.43
N PRO A 92 -20.50 4.90 7.71
CA PRO A 92 -20.71 3.90 8.74
C PRO A 92 -19.98 2.62 8.40
N PHE A 93 -19.33 2.05 9.42
CA PHE A 93 -18.56 0.79 9.38
C PHE A 93 -17.22 0.79 8.59
N GLU A 94 -16.92 1.89 7.91
CA GLU A 94 -15.78 1.91 6.99
C GLU A 94 -14.52 1.96 7.78
N SER A 95 -13.59 1.04 7.46
CA SER A 95 -12.26 0.96 8.02
C SER A 95 -11.21 0.98 6.92
N PRO A 96 -10.62 2.13 6.61
CA PRO A 96 -9.70 2.20 5.42
C PRO A 96 -8.55 1.16 5.36
N ASN A 97 -8.03 0.87 6.52
CA ASN A 97 -7.30 -0.31 6.99
C ASN A 97 -7.76 -1.72 7.01
N PHE A 98 -9.07 -1.89 7.06
CA PHE A 98 -9.65 -3.18 7.39
C PHE A 98 -9.09 -3.76 8.71
N THR A 99 -9.12 -2.93 9.76
CA THR A 99 -8.76 -3.34 11.15
C THR A 99 -9.92 -3.36 12.18
N LYS A 100 -11.01 -2.65 11.95
CA LYS A 100 -12.11 -2.67 12.95
C LYS A 100 -12.84 -4.02 13.09
N LYS A 101 -13.10 -4.44 14.32
CA LYS A 101 -13.85 -5.69 14.59
C LYS A 101 -15.05 -5.82 13.67
N SER A 102 -15.86 -4.77 13.63
CA SER A 102 -17.22 -4.85 13.11
C SER A 102 -17.28 -5.10 11.63
N ILE A 103 -16.45 -4.41 10.88
CA ILE A 103 -16.43 -4.63 9.41
C ILE A 103 -15.79 -5.99 9.09
N LYS A 104 -14.87 -6.46 9.92
CA LYS A 104 -14.33 -7.79 9.75
C LYS A 104 -15.35 -8.91 9.83
N GLU A 105 -16.17 -8.88 10.88
CA GLU A 105 -17.27 -9.85 11.04
C GLU A 105 -18.27 -9.79 9.88
N ILE A 106 -18.66 -8.59 9.53
CA ILE A 106 -19.56 -8.37 8.42
C ILE A 106 -18.92 -8.98 7.16
N ALA A 107 -17.64 -8.69 6.91
CA ALA A 107 -16.94 -9.24 5.76
C ALA A 107 -16.92 -10.77 5.80
N SER A 108 -16.69 -11.38 6.97
CA SER A 108 -16.74 -12.84 7.05
C SER A 108 -18.08 -13.38 6.65
N SER A 109 -19.10 -12.77 7.19
CA SER A 109 -20.42 -13.27 6.99
C SER A 109 -20.73 -13.22 5.48
N ILE A 110 -20.51 -12.08 4.83
CA ILE A 110 -20.66 -12.02 3.35
C ILE A 110 -19.81 -13.10 2.67
N SER A 111 -18.61 -13.39 3.16
CA SER A 111 -17.78 -14.43 2.58
C SER A 111 -18.49 -15.77 2.58
N ARG A 112 -18.86 -16.27 3.75
CA ARG A 112 -19.73 -17.47 3.86
C ARG A 112 -20.93 -17.42 2.91
N LEU A 113 -21.63 -16.32 2.88
CA LEU A 113 -22.82 -16.20 2.06
C LEU A 113 -22.54 -16.31 0.55
N THR A 114 -21.42 -15.77 0.09
CA THR A 114 -21.16 -15.60 -1.34
C THR A 114 -20.12 -16.52 -1.96
N GLY A 115 -19.28 -17.14 -1.14
CA GLY A 115 -18.14 -17.90 -1.64
C GLY A 115 -16.82 -17.16 -1.81
N VAL A 116 -16.86 -15.83 -1.89
CA VAL A 116 -15.64 -15.03 -2.00
C VAL A 116 -14.78 -15.25 -0.75
N ILE A 117 -13.56 -15.72 -0.96
CA ILE A 117 -12.69 -16.12 0.14
C ILE A 117 -11.43 -15.25 0.21
N ASP A 118 -11.02 -14.60 -0.90
CA ASP A 118 -9.84 -13.73 -0.94
C ASP A 118 -10.28 -12.33 -1.13
N TYR A 119 -9.93 -11.51 -0.15
CA TYR A 119 -10.28 -10.11 -0.15
C TYR A 119 -9.36 -9.36 0.79
N LYS A 120 -9.22 -8.09 0.49
CA LYS A 120 -8.34 -7.21 1.20
C LYS A 120 -9.16 -6.44 2.25
N GLY A 121 -10.36 -6.03 1.85
CA GLY A 121 -11.27 -5.34 2.74
C GLY A 121 -12.71 -5.50 2.34
N TYR A 122 -13.54 -4.67 2.96
CA TYR A 122 -14.97 -4.68 2.72
C TYR A 122 -15.52 -3.32 3.06
N ASN A 123 -16.45 -2.84 2.26
CA ASN A 123 -17.05 -1.58 2.52
C ASN A 123 -18.50 -1.63 2.05
N LEU A 124 -19.40 -1.30 2.98
CA LEU A 124 -20.83 -1.29 2.71
C LEU A 124 -21.31 -0.13 1.84
N ASN A 125 -20.45 0.86 1.60
CA ASN A 125 -20.88 2.07 0.92
C ASN A 125 -20.65 2.08 -0.60
N ILE A 126 -20.31 0.94 -1.21
CA ILE A 126 -20.04 0.86 -2.64
C ILE A 126 -20.93 -0.21 -3.23
N ILE A 127 -22.08 -0.44 -2.58
CA ILE A 127 -22.97 -1.55 -2.94
C ILE A 127 -24.25 -0.96 -3.55
N ASP A 128 -24.57 -1.36 -4.77
CA ASP A 128 -25.74 -0.85 -5.45
C ASP A 128 -26.88 -1.33 -4.64
N GLY A 129 -27.76 -0.39 -4.35
CA GLY A 129 -28.98 -0.62 -3.61
C GLY A 129 -28.96 -0.18 -2.16
N VAL A 130 -27.76 0.11 -1.62
CA VAL A 130 -27.55 0.12 -0.18
C VAL A 130 -27.07 1.46 0.35
N ILE A 131 -27.70 1.92 1.45
CA ILE A 131 -27.12 3.03 2.25
C ILE A 131 -26.79 2.60 3.70
N PRO A 132 -25.48 2.52 4.02
CA PRO A 132 -25.04 2.34 5.40
C PRO A 132 -25.28 3.61 6.16
N TRP A 133 -25.83 3.47 7.37
CA TRP A 133 -26.22 4.61 8.17
C TRP A 133 -25.82 4.42 9.63
N ASN A 134 -25.55 5.50 10.34
CA ASN A 134 -25.35 5.48 11.80
C ASN A 134 -26.40 6.32 12.45
N TYR A 135 -27.08 5.74 13.43
CA TYR A 135 -28.26 6.39 13.97
C TYR A 135 -27.89 7.72 14.60
N TYR A 136 -26.87 7.68 15.44
CA TYR A 136 -26.22 8.87 15.97
C TYR A 136 -25.02 9.17 15.14
N LEU A 137 -24.77 10.45 14.87
CA LEU A 137 -23.72 10.85 13.93
C LEU A 137 -22.28 11.07 14.45
N SER A 138 -22.09 10.91 15.74
CA SER A 138 -20.76 11.09 16.35
C SER A 138 -20.81 10.50 17.75
N CYS A 139 -19.64 10.28 18.33
CA CYS A 139 -19.53 10.01 19.73
C CYS A 139 -18.30 10.80 20.23
N LYS A 140 -18.21 11.02 21.52
CA LYS A 140 -16.96 11.48 22.11
C LYS A 140 -15.90 10.43 21.85
N LEU A 141 -14.67 10.86 21.64
CA LEU A 141 -13.59 9.92 21.29
C LEU A 141 -13.42 8.84 22.34
N GLY A 142 -13.56 7.60 21.89
CA GLY A 142 -13.42 6.42 22.74
C GLY A 142 -14.63 5.98 23.56
N GLU A 143 -15.78 6.63 23.40
CA GLU A 143 -16.92 6.35 24.28
C GLU A 143 -18.19 6.14 23.47
N THR A 144 -18.51 4.86 23.24
CA THR A 144 -19.70 4.52 22.48
C THR A 144 -20.91 5.14 23.12
N LYS A 145 -21.74 5.77 22.30
CA LYS A 145 -23.05 6.34 22.69
C LYS A 145 -23.08 7.64 23.51
N SER A 146 -21.88 8.16 23.77
CA SER A 146 -21.67 9.39 24.52
C SER A 146 -22.41 10.61 23.98
N HIS A 147 -22.77 10.66 22.70
CA HIS A 147 -23.46 11.81 22.15
C HIS A 147 -24.91 11.56 21.76
N ALA A 148 -25.48 10.47 22.24
CA ALA A 148 -26.89 10.18 22.00
C ALA A 148 -27.85 11.30 22.42
N ILE A 149 -27.61 11.83 23.61
CA ILE A 149 -28.37 12.96 24.14
C ILE A 149 -28.40 14.15 23.14
N TYR A 150 -27.29 14.46 22.46
CA TYR A 150 -27.25 15.61 21.50
C TYR A 150 -27.97 15.32 20.17
N TRP A 151 -27.78 14.12 19.63
CA TRP A 151 -28.21 13.79 18.26
C TRP A 151 -29.68 13.41 18.14
N ASP A 152 -30.19 12.90 19.25
CA ASP A 152 -31.54 12.44 19.40
C ASP A 152 -32.61 12.88 18.43
N LYS A 153 -33.03 14.16 18.50
CA LYS A 153 -34.11 14.60 17.60
C LYS A 153 -33.70 14.57 16.14
N ILE A 154 -32.44 14.90 15.88
CA ILE A 154 -31.86 14.80 14.51
C ILE A 154 -31.79 13.34 13.98
N SER A 155 -31.37 12.42 14.83
CA SER A 155 -31.35 11.02 14.50
C SER A 155 -32.70 10.52 14.00
N LYS A 156 -33.74 10.81 14.78
CA LYS A 156 -35.12 10.48 14.42
C LYS A 156 -35.59 11.16 13.11
N LEU A 157 -35.17 12.39 12.85
CA LEU A 157 -35.61 13.08 11.65
C LEU A 157 -35.02 12.45 10.37
N LEU A 158 -33.77 12.03 10.45
CA LEU A 158 -33.05 11.53 9.30
C LEU A 158 -33.42 10.10 9.02
N LEU A 159 -33.50 9.30 10.06
CA LEU A 159 -33.93 7.94 9.84
C LEU A 159 -35.35 7.86 9.20
N GLN A 160 -36.27 8.68 9.67
CA GLN A 160 -37.63 8.68 9.14
C GLN A 160 -37.58 9.07 7.70
N HIS A 161 -36.66 9.97 7.38
CA HIS A 161 -36.51 10.39 6.02
C HIS A 161 -35.94 9.27 5.17
N ILE A 162 -34.86 8.66 5.64
CA ILE A 162 -34.33 7.49 4.94
C ILE A 162 -35.39 6.37 4.68
N THR A 163 -36.22 6.06 5.68
CA THR A 163 -37.12 4.91 5.57
C THR A 163 -38.31 5.10 4.61
N LYS A 164 -38.69 6.35 4.32
CA LYS A 164 -39.59 6.64 3.20
C LYS A 164 -39.13 6.08 1.86
N HIS A 165 -37.80 5.95 1.67
CA HIS A 165 -37.21 5.54 0.40
C HIS A 165 -36.90 4.03 0.25
N VAL A 166 -36.60 3.35 1.35
CA VAL A 166 -36.07 2.01 1.22
C VAL A 166 -37.20 1.07 1.55
N SER A 167 -37.04 -0.19 1.12
CA SER A 167 -37.96 -1.31 1.35
C SER A 167 -37.65 -1.96 2.70
N VAL A 168 -36.36 -2.23 2.92
CA VAL A 168 -35.83 -2.88 4.10
C VAL A 168 -34.81 -2.03 4.93
N LEU A 169 -35.02 -2.01 6.25
CA LEU A 169 -34.13 -1.41 7.26
C LEU A 169 -33.58 -2.54 8.11
N TYR A 170 -32.26 -2.65 8.17
CA TYR A 170 -31.58 -3.69 8.93
C TYR A 170 -30.79 -2.98 10.02
N CYS A 171 -31.21 -3.12 11.28
CA CYS A 171 -30.53 -2.49 12.43
C CYS A 171 -29.58 -3.49 13.07
N LEU A 172 -28.37 -3.03 13.34
CA LEU A 172 -27.31 -3.85 13.91
C LEU A 172 -27.21 -3.44 15.35
N GLY A 173 -27.85 -4.24 16.21
CA GLY A 173 -27.72 -4.20 17.64
C GLY A 173 -29.05 -4.39 18.38
N LYS A 174 -29.19 -5.50 19.09
CA LYS A 174 -30.46 -5.76 19.82
C LYS A 174 -30.73 -4.75 20.92
N THR A 175 -29.70 -4.31 21.60
CA THR A 175 -29.87 -3.39 22.70
C THR A 175 -30.41 -2.07 22.22
N ASP A 176 -29.70 -1.43 21.32
CA ASP A 176 -30.09 -0.09 20.90
C ASP A 176 -31.24 0.04 19.94
N PHE A 177 -31.64 -1.06 19.32
CA PHE A 177 -32.70 -0.98 18.31
C PHE A 177 -33.96 -1.82 18.58
N SER A 178 -34.01 -2.57 19.65
CA SER A 178 -35.27 -3.26 20.03
C SER A 178 -36.50 -2.31 20.10
N ASN A 179 -36.33 -1.04 20.47
CA ASN A 179 -37.42 -0.10 20.47
C ASN A 179 -37.51 0.77 19.20
N ILE A 180 -36.93 0.32 18.10
CA ILE A 180 -36.79 1.21 16.90
C ILE A 180 -38.12 1.62 16.24
N ARG A 181 -39.15 0.81 16.38
CA ARG A 181 -40.43 1.14 15.74
C ARG A 181 -41.04 2.39 16.32
N ALA A 182 -41.07 2.47 17.66
CA ALA A 182 -41.46 3.69 18.38
C ALA A 182 -40.77 4.91 17.85
N LYS A 183 -39.51 4.77 17.46
CA LYS A 183 -38.78 5.87 16.80
C LYS A 183 -39.31 6.40 15.46
N LEU A 184 -40.14 5.63 14.77
CA LEU A 184 -40.60 5.99 13.41
C LEU A 184 -42.11 6.09 13.31
N GLU A 185 -42.61 7.15 12.73
CA GLU A 185 -43.97 7.09 12.22
C GLU A 185 -43.77 6.33 10.94
N SER A 186 -44.81 5.64 10.46
CA SER A 186 -44.78 5.00 9.14
C SER A 186 -44.13 3.60 9.21
N PRO A 187 -44.92 2.53 8.97
CA PRO A 187 -44.23 1.25 9.02
C PRO A 187 -43.32 1.03 7.80
N VAL A 188 -42.19 0.37 8.05
CA VAL A 188 -41.24 -0.07 7.03
C VAL A 188 -40.71 -1.47 7.46
N THR A 189 -40.37 -2.32 6.50
CA THR A 189 -39.83 -3.63 6.84
C THR A 189 -38.56 -3.40 7.62
N THR A 190 -38.51 -3.99 8.81
CA THR A 190 -37.47 -3.71 9.77
C THR A 190 -36.99 -4.96 10.35
N ILE A 191 -35.68 -5.21 10.23
CA ILE A 191 -35.05 -6.36 10.87
C ILE A 191 -34.00 -5.87 11.86
N VAL A 192 -34.02 -6.44 13.06
CA VAL A 192 -33.10 -6.09 14.15
C VAL A 192 -32.24 -7.32 14.45
N GLY A 193 -30.93 -7.22 14.26
CA GLY A 193 -30.05 -8.35 14.50
C GLY A 193 -29.05 -8.01 15.58
N TYR A 194 -28.30 -9.02 15.99
CA TYR A 194 -27.12 -8.79 16.81
C TYR A 194 -26.13 -7.88 16.06
N HIS A 195 -25.39 -7.12 16.85
CA HIS A 195 -24.35 -6.28 16.35
C HIS A 195 -23.13 -7.13 16.06
N PRO A 196 -22.33 -6.76 15.06
CA PRO A 196 -21.16 -7.57 14.77
C PRO A 196 -20.18 -7.73 15.91
N ALA A 197 -19.93 -6.65 16.62
CA ALA A 197 -19.12 -6.64 17.84
C ALA A 197 -19.75 -7.20 19.10
N ALA A 198 -20.85 -7.92 19.00
CA ALA A 198 -21.32 -8.66 20.16
C ALA A 198 -20.24 -9.57 20.74
N ARG A 199 -20.30 -9.73 22.07
CA ARG A 199 -19.16 -10.25 22.81
C ARG A 199 -19.17 -11.72 23.12
N ASP A 200 -20.28 -12.40 22.86
CA ASP A 200 -20.31 -13.83 22.56
C ASP A 200 -20.03 -13.93 21.06
N ARG A 201 -20.57 -14.92 20.36
CA ARG A 201 -20.19 -15.04 18.95
C ARG A 201 -21.50 -15.12 18.20
N GLN A 202 -22.30 -14.09 18.39
CA GLN A 202 -23.70 -14.16 18.02
C GLN A 202 -23.91 -13.73 16.59
N PHE A 203 -23.14 -12.75 16.11
CA PHE A 203 -23.16 -12.33 14.72
C PHE A 203 -22.72 -13.39 13.68
N GLU A 204 -21.91 -14.35 14.10
CA GLU A 204 -21.55 -15.51 13.30
C GLU A 204 -22.77 -16.34 12.99
N LYS A 205 -23.76 -16.38 13.87
CA LYS A 205 -25.04 -17.07 13.61
C LYS A 205 -26.08 -16.21 12.90
N ASP A 206 -25.91 -14.89 12.78
CA ASP A 206 -26.92 -14.02 12.14
C ASP A 206 -26.99 -14.42 10.65
N ARG A 207 -28.22 -14.51 10.12
CA ARG A 207 -28.51 -14.84 8.74
C ARG A 207 -29.12 -13.65 8.01
N SER A 208 -28.87 -12.45 8.51
CA SER A 208 -29.67 -11.29 8.16
C SER A 208 -29.46 -10.82 6.74
N PHE A 209 -28.27 -11.07 6.20
CA PHE A 209 -28.03 -10.66 4.80
C PHE A 209 -28.80 -11.46 3.75
N GLU A 210 -29.01 -12.73 4.05
CA GLU A 210 -29.84 -13.59 3.23
C GLU A 210 -31.26 -13.15 3.39
N ILE A 211 -31.63 -13.00 4.65
CA ILE A 211 -32.95 -12.60 5.05
C ILE A 211 -33.40 -11.32 4.37
N ILE A 212 -32.48 -10.40 4.11
CA ILE A 212 -32.82 -9.17 3.35
C ILE A 212 -33.19 -9.47 1.91
N ASN A 213 -32.45 -10.38 1.27
CA ASN A 213 -32.71 -10.68 -0.13
C ASN A 213 -34.10 -11.37 -0.24
N VAL A 214 -34.43 -12.24 0.70
CA VAL A 214 -35.72 -12.89 0.65
C VAL A 214 -36.85 -11.88 0.84
N LEU A 215 -36.67 -10.97 1.76
CA LEU A 215 -37.61 -9.90 1.99
C LEU A 215 -37.75 -9.00 0.77
N LEU A 216 -36.64 -8.78 0.08
CA LEU A 216 -36.67 -7.92 -1.09
C LEU A 216 -37.52 -8.58 -2.22
N GLU A 217 -37.32 -9.88 -2.47
CA GLU A 217 -38.13 -10.62 -3.43
C GLU A 217 -39.62 -10.50 -3.06
N LEU A 218 -39.96 -10.62 -1.77
CA LEU A 218 -41.34 -10.53 -1.36
C LEU A 218 -41.98 -9.17 -1.62
N ASP A 219 -41.17 -8.11 -1.78
CA ASP A 219 -41.64 -6.76 -2.17
C ASP A 219 -41.33 -6.50 -3.65
N ASN A 220 -41.07 -7.58 -4.39
CA ASN A 220 -40.84 -7.51 -5.81
C ASN A 220 -39.67 -6.58 -6.18
N LYS A 221 -38.54 -6.74 -5.51
CA LYS A 221 -37.38 -5.89 -5.73
C LYS A 221 -36.16 -6.73 -6.03
N VAL A 222 -35.14 -6.11 -6.61
CA VAL A 222 -33.94 -6.87 -6.95
C VAL A 222 -33.09 -7.21 -5.72
N PRO A 223 -32.56 -8.44 -5.64
CA PRO A 223 -31.67 -8.71 -4.50
C PRO A 223 -30.43 -7.84 -4.49
N ILE A 224 -29.97 -7.46 -3.30
CA ILE A 224 -28.66 -6.84 -3.14
C ILE A 224 -27.60 -7.88 -3.47
N ASN A 225 -26.57 -7.39 -4.15
CA ASN A 225 -25.40 -8.19 -4.49
C ASN A 225 -24.29 -7.86 -3.51
N TRP A 226 -24.19 -8.68 -2.47
CA TRP A 226 -23.34 -8.35 -1.33
C TRP A 226 -21.90 -8.43 -1.69
N ALA A 227 -21.56 -9.17 -2.74
CA ALA A 227 -20.18 -9.32 -3.22
C ALA A 227 -19.57 -7.96 -3.64
N GLN A 228 -20.39 -7.07 -4.19
CA GLN A 228 -20.00 -5.70 -4.54
C GLN A 228 -19.23 -4.97 -3.46
N GLY A 229 -19.37 -5.44 -2.23
CA GLY A 229 -18.76 -4.80 -1.11
C GLY A 229 -17.28 -5.06 -0.96
N PHE A 230 -16.76 -6.15 -1.50
CA PHE A 230 -15.35 -6.48 -1.30
C PHE A 230 -14.34 -5.54 -1.97
N ILE A 231 -13.21 -5.43 -1.33
CA ILE A 231 -12.12 -4.65 -1.81
C ILE A 231 -11.06 -5.70 -2.01
N TYR A 232 -10.59 -5.79 -3.25
CA TYR A 232 -9.60 -6.79 -3.63
C TYR A 232 -8.22 -6.12 -3.71
N MET B 3 -28.94 -16.28 16.00
CA MET B 3 -29.49 -17.30 16.97
C MET B 3 -30.85 -17.93 16.45
N ALA B 4 -31.82 -17.06 16.15
CA ALA B 4 -33.18 -17.39 15.74
C ALA B 4 -33.42 -16.92 14.31
N SER B 5 -32.39 -16.33 13.69
CA SER B 5 -32.53 -15.77 12.38
C SER B 5 -32.44 -16.91 11.34
N SER B 6 -32.01 -18.10 11.70
CA SER B 6 -32.02 -19.23 10.75
C SER B 6 -33.40 -19.71 10.52
N ALA B 7 -34.12 -19.83 11.63
CA ALA B 7 -35.48 -20.26 11.63
C ALA B 7 -36.34 -19.15 11.05
N ASP B 8 -35.91 -17.89 11.20
CA ASP B 8 -36.60 -16.78 10.52
C ASP B 8 -36.39 -16.92 9.01
N LEU B 9 -35.16 -17.18 8.59
CA LEU B 9 -34.90 -17.39 7.17
C LEU B 9 -35.80 -18.51 6.59
N THR B 10 -35.79 -19.64 7.26
CA THR B 10 -36.53 -20.82 6.82
C THR B 10 -38.01 -20.48 6.56
N ASN B 11 -38.58 -19.76 7.51
CA ASN B 11 -39.94 -19.30 7.43
C ASN B 11 -40.19 -18.38 6.26
N LEU B 12 -39.31 -17.40 6.06
CA LEU B 12 -39.42 -16.51 4.92
C LEU B 12 -39.25 -17.17 3.55
N LYS B 13 -38.34 -18.12 3.48
CA LYS B 13 -38.19 -18.88 2.27
C LYS B 13 -39.49 -19.60 1.93
N GLU B 14 -40.12 -20.19 2.93
CA GLU B 14 -41.32 -20.99 2.73
C GLU B 14 -42.46 -20.09 2.34
N LEU B 15 -42.52 -18.93 2.97
CA LEU B 15 -43.49 -17.94 2.60
C LEU B 15 -43.37 -17.62 1.10
N LEU B 16 -42.14 -17.35 0.64
CA LEU B 16 -41.85 -17.02 -0.77
C LEU B 16 -42.11 -18.21 -1.69
N SER B 17 -41.83 -19.41 -1.23
CA SER B 17 -42.11 -20.60 -2.02
C SER B 17 -43.61 -20.78 -2.27
N LEU B 18 -44.39 -20.50 -1.22
CA LEU B 18 -45.86 -20.53 -1.28
C LEU B 18 -46.42 -19.39 -2.07
N TYR B 19 -45.95 -18.17 -1.87
CA TYR B 19 -46.43 -17.08 -2.73
C TYR B 19 -46.43 -17.49 -4.18
N LYS B 20 -45.44 -18.28 -4.58
CA LYS B 20 -45.22 -18.70 -5.97
C LYS B 20 -46.05 -19.92 -6.37
N SER B 21 -46.11 -20.91 -5.49
CA SER B 21 -46.78 -22.15 -5.77
C SER B 21 -48.28 -22.05 -5.65
N LEU B 22 -48.72 -21.13 -4.84
CA LEU B 22 -50.06 -21.22 -4.26
C LEU B 22 -51.20 -21.13 -5.29
N ARG B 23 -52.09 -22.12 -5.30
CA ARG B 23 -53.34 -22.00 -6.05
C ARG B 23 -54.48 -21.70 -5.11
N PHE B 24 -55.36 -20.78 -5.51
CA PHE B 24 -56.55 -20.41 -4.73
C PHE B 24 -57.46 -21.58 -4.40
N SER B 25 -57.48 -22.62 -5.21
CA SER B 25 -58.31 -23.78 -4.95
C SER B 25 -57.84 -24.62 -3.75
N ASP B 26 -56.61 -24.40 -3.25
CA ASP B 26 -55.99 -25.26 -2.22
C ASP B 26 -56.05 -24.57 -0.81
N SER B 27 -56.96 -25.07 0.04
CA SER B 27 -57.32 -24.40 1.31
C SER B 27 -56.21 -24.50 2.33
N ALA B 28 -55.65 -25.70 2.46
CA ALA B 28 -54.42 -25.91 3.25
C ALA B 28 -53.22 -24.94 2.92
N ALA B 29 -53.05 -24.59 1.65
CA ALA B 29 -51.93 -23.69 1.28
C ALA B 29 -52.24 -22.27 1.71
N ILE B 30 -53.43 -21.81 1.37
CA ILE B 30 -53.89 -20.55 1.81
C ILE B 30 -53.79 -20.39 3.35
N GLU B 31 -54.19 -21.42 4.13
CA GLU B 31 -54.03 -21.37 5.60
C GLU B 31 -52.57 -21.12 5.96
N LYS B 32 -51.72 -22.05 5.50
CA LYS B 32 -50.27 -22.00 5.78
C LYS B 32 -49.70 -20.63 5.34
N TYR B 33 -49.98 -20.22 4.11
CA TYR B 33 -49.54 -18.93 3.59
C TYR B 33 -50.02 -17.75 4.45
N ASN B 34 -51.30 -17.74 4.78
CA ASN B 34 -51.84 -16.62 5.55
C ASN B 34 -51.20 -16.58 6.95
N SER B 35 -50.89 -17.75 7.48
CA SER B 35 -50.32 -17.80 8.81
C SER B 35 -48.83 -17.27 8.72
N LEU B 36 -48.14 -17.57 7.61
CA LEU B 36 -46.79 -17.07 7.37
C LEU B 36 -46.81 -15.57 7.13
N VAL B 37 -47.83 -15.05 6.46
CA VAL B 37 -47.91 -13.61 6.24
C VAL B 37 -48.16 -12.87 7.52
N GLU B 38 -48.92 -13.48 8.43
CA GLU B 38 -49.20 -12.85 9.72
C GLU B 38 -47.92 -12.83 10.51
N TRP B 39 -47.29 -13.99 10.57
CA TRP B 39 -46.05 -14.13 11.27
C TRP B 39 -45.02 -13.15 10.75
N GLY B 40 -44.93 -13.06 9.44
CA GLY B 40 -43.97 -12.21 8.84
C GLY B 40 -44.26 -10.77 9.09
N THR B 41 -45.53 -10.41 9.02
CA THR B 41 -45.92 -9.02 9.20
C THR B 41 -45.65 -8.50 10.60
N SER B 42 -46.02 -9.29 11.58
CA SER B 42 -45.83 -8.88 12.95
C SER B 42 -44.31 -8.92 13.32
N THR B 43 -43.56 -9.94 12.89
CA THR B 43 -42.10 -9.96 13.09
C THR B 43 -41.28 -8.84 12.45
N TYR B 44 -41.52 -8.51 11.19
CA TYR B 44 -40.75 -7.45 10.53
C TYR B 44 -41.56 -6.18 10.31
N TRP B 45 -42.73 -6.08 10.95
CA TRP B 45 -43.54 -4.85 10.93
C TRP B 45 -44.36 -4.66 9.62
N LYS B 46 -43.69 -4.86 8.50
CA LYS B 46 -44.30 -4.76 7.19
C LYS B 46 -43.58 -5.62 6.22
N ILE B 47 -44.34 -6.29 5.35
CA ILE B 47 -43.73 -7.04 4.27
C ILE B 47 -44.46 -6.80 2.95
N GLY B 48 -43.85 -7.23 1.85
CA GLY B 48 -44.35 -6.93 0.50
C GLY B 48 -45.55 -7.74 -0.01
N VAL B 49 -46.05 -8.68 0.77
CA VAL B 49 -47.20 -9.49 0.39
C VAL B 49 -48.32 -9.43 1.45
N GLN B 50 -49.55 -9.70 0.97
CA GLN B 50 -50.79 -9.61 1.73
C GLN B 50 -51.39 -11.00 2.00
N LYS B 51 -52.28 -11.07 3.00
CA LYS B 51 -53.15 -12.26 3.18
C LYS B 51 -54.03 -12.34 1.98
N VAL B 52 -54.43 -13.55 1.62
CA VAL B 52 -55.42 -13.72 0.54
C VAL B 52 -56.73 -14.16 1.19
N ASP E 13 23.59 -17.59 -15.88
CA ASP E 13 22.85 -18.63 -16.68
C ASP E 13 21.43 -18.85 -16.10
N PRO E 14 21.31 -19.26 -14.81
CA PRO E 14 19.97 -19.42 -14.20
C PRO E 14 19.40 -18.13 -13.54
N MET E 15 20.04 -16.97 -13.81
CA MET E 15 19.85 -15.74 -13.02
C MET E 15 19.33 -14.56 -13.84
N ASN E 16 18.11 -14.11 -13.53
CA ASN E 16 17.52 -12.96 -14.20
C ASN E 16 17.46 -11.76 -13.27
N SER E 17 17.15 -10.61 -13.86
CA SER E 17 16.89 -9.40 -13.15
C SER E 17 15.55 -8.89 -13.54
N VAL E 18 14.95 -8.16 -12.59
CA VAL E 18 13.75 -7.40 -12.84
C VAL E 18 13.98 -6.13 -12.08
N THR E 19 13.44 -5.01 -12.57
CA THR E 19 13.74 -3.71 -12.01
C THR E 19 12.55 -3.15 -11.19
N VAL E 20 12.87 -2.47 -10.10
CA VAL E 20 11.91 -1.88 -9.15
C VAL E 20 12.23 -0.41 -9.05
N SER E 21 11.24 0.43 -8.71
CA SER E 21 11.39 1.90 -8.75
C SER E 21 12.11 2.59 -7.54
N HIS E 22 12.30 1.91 -6.43
CA HIS E 22 13.07 2.45 -5.32
C HIS E 22 14.31 1.60 -5.14
N ALA E 23 15.30 2.08 -4.38
CA ALA E 23 16.44 1.21 -4.02
C ALA E 23 15.94 -0.17 -3.55
N PRO E 24 16.64 -1.29 -3.83
CA PRO E 24 17.92 -1.38 -4.57
C PRO E 24 17.82 -1.31 -6.11
N TYR E 25 16.66 -0.92 -6.64
CA TYR E 25 16.40 -0.82 -8.10
C TYR E 25 16.39 -2.13 -8.91
N THR E 26 17.06 -3.19 -8.43
CA THR E 26 17.26 -4.42 -9.16
C THR E 26 17.27 -5.59 -8.22
N ILE E 27 16.54 -6.61 -8.61
CA ILE E 27 16.46 -7.84 -7.85
C ILE E 27 16.84 -8.98 -8.77
N THR E 28 17.89 -9.68 -8.36
CA THR E 28 18.44 -10.81 -9.10
C THR E 28 17.89 -12.09 -8.45
N TYR E 29 17.32 -12.99 -9.25
CA TYR E 29 16.66 -14.23 -8.75
C TYR E 29 17.00 -15.46 -9.58
N HIS E 30 17.01 -16.62 -8.93
CA HIS E 30 17.14 -17.92 -9.62
C HIS E 30 15.80 -18.24 -10.29
N ASP E 31 15.81 -19.11 -11.30
CA ASP E 31 14.61 -19.39 -12.11
C ASP E 31 13.44 -19.91 -11.30
N ASP E 32 13.75 -20.72 -10.29
CA ASP E 32 12.74 -21.34 -9.43
C ASP E 32 11.81 -20.37 -8.71
N TRP E 33 12.22 -19.10 -8.61
CA TRP E 33 11.38 -18.01 -8.09
C TRP E 33 10.55 -17.30 -9.14
N GLU E 34 10.68 -17.69 -10.42
CA GLU E 34 10.12 -16.91 -11.53
C GLU E 34 8.62 -16.59 -11.35
N PRO E 35 7.82 -17.52 -10.80
CA PRO E 35 6.36 -17.22 -10.66
C PRO E 35 5.97 -15.98 -9.83
N VAL E 36 6.67 -15.72 -8.73
CA VAL E 36 6.27 -14.68 -7.72
C VAL E 36 6.73 -13.25 -7.97
N MET E 37 7.61 -13.10 -8.95
CA MET E 37 8.29 -11.86 -9.19
C MET E 37 7.41 -10.75 -9.73
N SER E 38 6.33 -11.08 -10.43
CA SER E 38 5.41 -10.02 -10.88
C SER E 38 4.80 -9.41 -9.65
N GLN E 39 4.23 -10.25 -8.81
CA GLN E 39 3.55 -9.80 -7.61
C GLN E 39 4.56 -9.15 -6.66
N LEU E 40 5.79 -9.66 -6.62
CA LEU E 40 6.81 -9.06 -5.78
C LEU E 40 7.13 -7.60 -6.17
N VAL E 41 7.45 -7.36 -7.43
CA VAL E 41 7.68 -6.00 -7.94
C VAL E 41 6.52 -5.06 -7.61
N GLU E 42 5.30 -5.52 -7.86
CA GLU E 42 4.11 -4.75 -7.55
C GLU E 42 4.16 -4.38 -6.06
N PHE E 43 4.29 -5.40 -5.20
CA PHE E 43 4.24 -5.22 -3.74
C PHE E 43 5.36 -4.36 -3.15
N TYR E 44 6.59 -4.62 -3.57
CA TYR E 44 7.71 -3.87 -3.04
C TYR E 44 7.60 -2.38 -3.40
N ASN E 45 7.29 -2.08 -4.66
CA ASN E 45 7.02 -0.69 -5.12
C ASN E 45 5.97 0.05 -4.28
N GLU E 46 4.97 -0.69 -3.78
CA GLU E 46 3.91 -0.13 -2.94
C GLU E 46 4.49 0.37 -1.63
N VAL E 47 5.42 -0.37 -1.04
CA VAL E 47 5.87 -0.14 0.35
C VAL E 47 7.31 0.37 0.57
N ALA E 48 8.15 0.20 -0.45
CA ALA E 48 9.58 0.41 -0.30
C ALA E 48 9.90 1.77 0.25
N SER E 49 9.14 2.78 -0.16
CA SER E 49 9.32 4.11 0.38
C SER E 49 9.32 4.09 1.91
N TRP E 50 8.47 3.24 2.51
CA TRP E 50 8.32 3.20 3.95
C TRP E 50 9.48 2.50 4.63
N LEU E 51 10.06 1.48 4.02
CA LEU E 51 11.20 0.79 4.64
C LEU E 51 12.39 1.71 4.61
N LEU E 52 12.58 2.31 3.45
CA LEU E 52 13.68 3.25 3.21
C LEU E 52 13.69 4.58 3.99
N ARG E 53 12.62 4.97 4.65
CA ARG E 53 12.73 6.03 5.71
C ARG E 53 13.86 5.89 6.72
N ASP E 54 14.27 4.64 6.92
CA ASP E 54 15.03 4.20 8.02
C ASP E 54 16.28 3.55 7.47
N GLU E 55 17.39 3.69 8.17
CA GLU E 55 18.51 2.74 8.13
C GLU E 55 18.02 1.34 8.49
N THR E 56 18.45 0.34 7.74
CA THR E 56 17.92 -1.02 7.87
C THR E 56 18.99 -2.06 8.11
N SER E 57 18.63 -3.14 8.78
CA SER E 57 19.49 -4.30 8.81
C SER E 57 18.73 -5.34 8.00
N PRO E 58 19.25 -5.83 6.86
CA PRO E 58 20.49 -5.39 6.22
C PRO E 58 20.25 -4.17 5.37
N ILE E 59 21.26 -3.76 4.61
CA ILE E 59 21.14 -2.59 3.74
C ILE E 59 20.23 -3.04 2.61
N PRO E 60 19.58 -2.12 1.90
CA PRO E 60 18.65 -2.55 0.85
C PRO E 60 19.25 -3.44 -0.25
N ASP E 61 20.47 -3.16 -0.72
CA ASP E 61 21.15 -4.13 -1.67
C ASP E 61 21.22 -5.57 -1.17
N LYS E 62 20.96 -5.82 0.11
CA LYS E 62 21.01 -7.18 0.61
C LYS E 62 19.68 -7.78 0.95
N PHE E 63 18.59 -7.00 0.93
CA PHE E 63 17.27 -7.57 1.30
C PHE E 63 17.02 -8.90 0.59
N PHE E 64 17.23 -8.87 -0.72
CA PHE E 64 16.74 -9.96 -1.55
C PHE E 64 17.76 -11.03 -1.95
N ILE E 65 18.95 -11.05 -1.35
CA ILE E 65 20.00 -11.91 -1.91
C ILE E 65 19.66 -13.39 -1.85
N GLN E 66 18.79 -13.78 -0.96
CA GLN E 66 18.40 -15.16 -0.79
C GLN E 66 17.44 -15.64 -1.95
N LEU E 67 16.96 -14.71 -2.78
CA LEU E 67 16.29 -15.15 -4.03
C LEU E 67 17.24 -15.76 -5.08
N LYS E 68 18.55 -15.56 -4.89
CA LYS E 68 19.58 -16.24 -5.64
C LYS E 68 19.66 -17.73 -5.32
N GLN E 69 19.14 -18.20 -4.17
CA GLN E 69 19.10 -19.64 -3.88
C GLN E 69 18.14 -20.36 -4.84
N PRO E 70 18.47 -21.62 -5.18
CA PRO E 70 17.50 -22.44 -5.88
C PRO E 70 16.55 -23.17 -4.93
N LEU E 71 15.34 -23.45 -5.42
CA LEU E 71 14.32 -24.07 -4.60
C LEU E 71 14.07 -25.56 -4.86
N ARG E 72 14.17 -25.96 -6.14
CA ARG E 72 13.87 -27.34 -6.62
C ARG E 72 14.56 -28.42 -5.78
N ASN E 73 15.80 -28.12 -5.37
CA ASN E 73 16.63 -29.05 -4.60
C ASN E 73 16.55 -28.90 -3.10
N LYS E 74 15.63 -28.10 -2.58
CA LYS E 74 15.52 -27.88 -1.14
C LYS E 74 14.45 -28.78 -0.58
N ARG E 75 14.71 -29.40 0.55
CA ARG E 75 13.67 -30.10 1.29
C ARG E 75 13.35 -29.56 2.72
N VAL E 76 14.08 -28.55 3.19
CA VAL E 76 13.87 -27.99 4.53
C VAL E 76 14.06 -26.48 4.54
N CYS E 77 13.01 -25.78 5.00
CA CYS E 77 13.12 -24.37 5.27
C CYS E 77 13.27 -24.15 6.74
N VAL E 78 14.37 -23.49 7.10
CA VAL E 78 14.61 -22.97 8.44
C VAL E 78 14.32 -21.46 8.42
N CYS E 79 13.32 -21.06 9.20
CA CYS E 79 12.71 -19.74 9.07
C CYS E 79 12.79 -18.91 10.34
N GLY E 80 13.42 -17.75 10.21
CA GLY E 80 13.48 -16.79 11.28
C GLY E 80 12.44 -15.70 11.13
N ILE E 81 12.40 -14.87 12.17
CA ILE E 81 11.42 -13.80 12.34
C ILE E 81 11.77 -12.71 11.35
N ASP E 82 12.97 -12.13 11.55
CA ASP E 82 13.48 -11.05 10.71
C ASP E 82 14.98 -10.93 10.89
N PRO E 83 15.65 -10.03 10.16
CA PRO E 83 17.08 -9.99 10.33
C PRO E 83 17.51 -9.58 11.70
N TYR E 84 18.78 -9.82 12.02
CA TYR E 84 19.39 -9.32 13.28
C TYR E 84 19.18 -7.79 13.40
N PRO E 85 18.96 -7.28 14.61
CA PRO E 85 18.73 -5.83 14.74
C PRO E 85 19.89 -4.99 14.18
N LYS E 86 21.10 -5.50 14.26
CA LYS E 86 22.28 -4.87 13.68
C LYS E 86 23.03 -5.90 12.84
N ASP E 87 23.75 -5.48 11.79
CA ASP E 87 24.75 -6.35 11.10
C ASP E 87 24.17 -7.49 10.28
N GLY E 88 22.94 -7.34 9.79
CA GLY E 88 22.32 -8.41 9.02
C GLY E 88 23.02 -8.45 7.67
N THR E 89 23.25 -9.63 7.10
CA THR E 89 23.90 -9.74 5.78
C THR E 89 23.00 -9.86 4.54
N GLY E 90 21.72 -10.09 4.78
CA GLY E 90 20.80 -10.58 3.73
C GLY E 90 20.58 -12.10 3.77
N VAL E 91 21.35 -12.81 4.61
CA VAL E 91 21.32 -14.24 4.73
C VAL E 91 20.93 -14.61 6.17
N PRO E 92 19.78 -15.25 6.31
CA PRO E 92 19.32 -15.47 7.67
C PRO E 92 20.33 -16.11 8.60
N PHE E 93 20.63 -15.46 9.70
CA PHE E 93 21.47 -15.95 10.80
C PHE E 93 22.99 -15.81 10.59
N GLU E 94 23.44 -15.37 9.40
CA GLU E 94 24.85 -15.29 9.04
C GLU E 94 25.52 -14.23 9.96
N SER E 95 26.56 -14.64 10.68
CA SER E 95 27.38 -13.75 11.51
C SER E 95 28.85 -13.87 11.08
N PRO E 96 29.31 -13.03 10.14
CA PRO E 96 30.72 -13.08 9.68
C PRO E 96 31.80 -13.18 10.81
N ASN E 97 31.56 -12.48 11.91
CA ASN E 97 32.28 -12.60 13.20
C ASN E 97 32.23 -13.89 13.96
N PHE E 98 31.21 -14.69 13.71
CA PHE E 98 30.61 -15.66 14.69
C PHE E 98 30.34 -15.08 16.10
N THR E 99 29.72 -13.89 16.15
CA THR E 99 29.37 -13.22 17.43
C THR E 99 27.88 -13.12 17.78
N LYS E 100 26.96 -13.25 16.82
CA LYS E 100 25.55 -13.21 17.17
C LYS E 100 25.12 -14.36 18.09
N LYS E 101 24.41 -14.03 19.16
CA LYS E 101 23.83 -14.99 20.10
C LYS E 101 23.08 -16.11 19.38
N SER E 102 22.21 -15.75 18.43
CA SER E 102 21.32 -16.71 17.79
C SER E 102 22.09 -17.87 17.13
N ILE E 103 22.99 -17.51 16.25
CA ILE E 103 23.78 -18.48 15.51
C ILE E 103 24.75 -19.25 16.40
N LYS E 104 25.21 -18.65 17.48
CA LYS E 104 25.96 -19.36 18.49
C LYS E 104 25.19 -20.51 19.09
N GLU E 105 24.08 -20.18 19.76
CA GLU E 105 23.15 -21.15 20.38
C GLU E 105 22.77 -22.33 19.46
N ILE E 106 22.48 -22.00 18.19
CA ILE E 106 22.22 -22.92 17.08
C ILE E 106 23.37 -23.88 16.85
N ALA E 107 24.59 -23.34 16.75
CA ALA E 107 25.82 -24.13 16.67
C ALA E 107 26.03 -25.00 17.92
N SER E 108 25.81 -24.47 19.12
CA SER E 108 25.93 -25.29 20.35
C SER E 108 24.97 -26.49 20.36
N SER E 109 23.88 -26.34 19.60
CA SER E 109 22.86 -27.34 19.56
C SER E 109 23.25 -28.39 18.50
N ILE E 110 23.69 -27.97 17.30
CA ILE E 110 24.29 -28.90 16.33
C ILE E 110 25.59 -29.55 16.86
N SER E 111 26.32 -28.89 17.75
CA SER E 111 27.46 -29.54 18.38
C SER E 111 26.96 -30.67 19.29
N ARG E 112 26.16 -30.33 20.30
CA ARG E 112 25.57 -31.28 21.29
C ARG E 112 24.91 -32.49 20.65
N LEU E 113 24.32 -32.27 19.49
CA LEU E 113 23.73 -33.31 18.64
C LEU E 113 24.76 -34.15 17.93
N THR E 114 25.53 -33.54 17.02
CA THR E 114 26.43 -34.26 16.09
C THR E 114 27.81 -34.62 16.66
N GLY E 115 28.09 -34.31 17.93
CA GLY E 115 29.43 -34.51 18.47
C GLY E 115 30.59 -33.64 17.94
N VAL E 116 30.42 -32.91 16.81
CA VAL E 116 31.45 -31.96 16.33
C VAL E 116 31.60 -30.81 17.32
N ILE E 117 32.72 -30.82 18.02
CA ILE E 117 32.88 -30.05 19.24
C ILE E 117 33.95 -28.93 19.10
N ASP E 118 34.62 -28.85 17.94
CA ASP E 118 35.66 -27.83 17.67
C ASP E 118 35.42 -27.19 16.33
N TYR E 119 34.99 -25.92 16.36
CA TYR E 119 34.59 -25.20 15.12
C TYR E 119 34.91 -23.69 15.26
N LYS E 120 35.14 -23.03 14.12
CA LYS E 120 35.36 -21.58 14.08
C LYS E 120 34.00 -20.84 14.10
N GLY E 121 33.13 -21.19 13.13
CA GLY E 121 31.80 -20.62 13.00
C GLY E 121 30.73 -21.60 12.52
N TYR E 122 29.53 -21.07 12.23
CA TYR E 122 28.36 -21.85 11.71
C TYR E 122 27.53 -21.02 10.74
N ASN E 123 27.18 -21.57 9.58
CA ASN E 123 26.21 -20.98 8.68
C ASN E 123 25.16 -22.03 8.29
N LEU E 124 23.92 -21.58 8.03
CA LEU E 124 22.82 -22.43 7.60
C LEU E 124 22.60 -22.43 6.13
N ASN E 125 23.31 -21.59 5.42
CA ASN E 125 23.15 -21.48 3.97
C ASN E 125 24.13 -22.41 3.16
N ILE E 126 24.91 -23.24 3.86
CA ILE E 126 25.89 -24.10 3.18
C ILE E 126 25.60 -25.50 3.65
N ILE E 127 24.31 -25.81 3.62
CA ILE E 127 23.82 -27.07 4.04
C ILE E 127 22.97 -27.54 2.87
N ASP E 128 23.09 -28.82 2.54
CA ASP E 128 22.47 -29.35 1.33
C ASP E 128 20.97 -29.55 1.55
N GLY E 129 20.22 -29.01 0.61
CA GLY E 129 18.76 -28.97 0.71
C GLY E 129 18.19 -28.26 1.93
N VAL E 130 18.84 -27.17 2.36
CA VAL E 130 18.29 -26.31 3.39
C VAL E 130 18.18 -24.94 2.78
N ILE E 131 17.05 -24.30 3.02
CA ILE E 131 16.97 -22.89 2.69
C ILE E 131 16.64 -22.11 3.96
N PRO E 132 17.60 -21.28 4.43
CA PRO E 132 17.33 -20.53 5.62
C PRO E 132 16.63 -19.29 5.15
N TRP E 133 15.65 -18.88 5.93
CA TRP E 133 14.77 -17.81 5.52
C TRP E 133 14.41 -16.83 6.66
N ASN E 134 14.14 -15.57 6.33
CA ASN E 134 13.48 -14.64 7.30
C ASN E 134 12.10 -14.25 6.85
N TYR E 135 11.14 -14.30 7.76
CA TYR E 135 9.77 -14.08 7.37
C TYR E 135 9.61 -12.67 6.84
N TYR E 136 10.12 -11.70 7.59
CA TYR E 136 10.22 -10.31 7.12
C TYR E 136 11.65 -10.05 6.74
N LEU E 137 11.86 -9.24 5.73
CA LEU E 137 13.19 -9.16 5.11
C LEU E 137 14.07 -7.97 5.57
N SER E 138 13.61 -7.26 6.59
CA SER E 138 14.35 -6.13 7.13
C SER E 138 13.69 -5.68 8.39
N CYS E 139 14.51 -5.04 9.22
CA CYS E 139 14.02 -4.19 10.26
C CYS E 139 14.71 -2.83 10.20
N LYS E 140 14.14 -1.87 10.92
CA LYS E 140 14.83 -0.62 11.26
C LYS E 140 16.00 -1.00 12.13
N LEU E 141 17.15 -0.44 11.80
CA LEU E 141 18.37 -0.69 12.56
C LEU E 141 18.09 -0.56 14.04
N GLY E 142 18.33 -1.66 14.74
CA GLY E 142 18.20 -1.72 16.18
C GLY E 142 16.86 -2.17 16.71
N GLU E 143 15.80 -2.19 15.90
CA GLU E 143 14.49 -2.60 16.39
C GLU E 143 13.87 -3.82 15.72
N THR E 144 13.88 -4.92 16.44
CA THR E 144 13.28 -6.16 15.98
C THR E 144 11.83 -5.99 15.63
N LYS E 145 11.44 -6.60 14.52
CA LYS E 145 10.06 -6.60 14.10
C LYS E 145 9.45 -5.23 13.70
N SER E 146 10.24 -4.17 13.68
CA SER E 146 9.74 -2.85 13.24
C SER E 146 9.26 -2.72 11.82
N HIS E 147 9.58 -3.64 10.93
CA HIS E 147 9.13 -3.52 9.52
C HIS E 147 8.10 -4.55 9.10
N ALA E 148 7.63 -5.33 10.09
CA ALA E 148 6.61 -6.34 9.87
C ALA E 148 5.43 -5.85 9.04
N ILE E 149 4.88 -4.73 9.47
CA ILE E 149 3.70 -4.13 8.87
C ILE E 149 3.87 -3.84 7.36
N TYR E 150 5.10 -3.58 6.93
CA TYR E 150 5.34 -3.28 5.52
C TYR E 150 5.56 -4.53 4.70
N TRP E 151 6.23 -5.53 5.29
CA TRP E 151 6.62 -6.72 4.53
C TRP E 151 5.48 -7.73 4.47
N ASP E 152 4.40 -7.53 5.23
CA ASP E 152 3.38 -8.59 5.41
C ASP E 152 2.78 -9.32 4.16
N LYS E 153 2.35 -8.62 3.11
CA LYS E 153 1.83 -9.30 1.92
C LYS E 153 2.92 -10.11 1.21
N ILE E 154 4.08 -9.47 1.05
CA ILE E 154 5.28 -10.07 0.45
C ILE E 154 5.73 -11.24 1.26
N SER E 155 5.72 -11.10 2.57
CA SER E 155 6.12 -12.20 3.40
C SER E 155 5.31 -13.47 3.10
N LYS E 156 4.02 -13.34 2.89
CA LYS E 156 3.16 -14.51 2.69
C LYS E 156 3.48 -15.09 1.34
N LEU E 157 3.53 -14.21 0.34
CA LEU E 157 3.83 -14.62 -1.03
C LEU E 157 5.08 -15.45 -1.13
N LEU E 158 6.17 -14.97 -0.55
CA LEU E 158 7.44 -15.69 -0.69
C LEU E 158 7.48 -16.97 0.13
N LEU E 159 6.85 -16.97 1.30
CA LEU E 159 6.85 -18.19 2.11
C LEU E 159 5.88 -19.20 1.56
N GLN E 160 4.85 -18.75 0.86
CA GLN E 160 3.94 -19.72 0.24
C GLN E 160 4.70 -20.45 -0.86
N HIS E 161 5.43 -19.70 -1.65
CA HIS E 161 6.20 -20.29 -2.70
C HIS E 161 7.17 -21.30 -2.16
N ILE E 162 7.83 -20.98 -1.05
CA ILE E 162 8.83 -21.87 -0.48
C ILE E 162 8.22 -23.19 -0.01
N THR E 163 7.05 -23.09 0.61
CA THR E 163 6.45 -24.25 1.24
C THR E 163 5.82 -25.22 0.25
N LYS E 164 5.63 -24.78 -1.00
CA LYS E 164 5.37 -25.70 -2.13
C LYS E 164 6.54 -26.64 -2.22
N HIS E 165 7.72 -26.04 -2.35
CA HIS E 165 8.93 -26.76 -2.64
C HIS E 165 9.55 -27.63 -1.51
N VAL E 166 9.04 -27.69 -0.28
CA VAL E 166 9.77 -28.43 0.75
C VAL E 166 8.84 -29.30 1.56
N SER E 167 9.42 -30.27 2.24
CA SER E 167 8.69 -31.26 2.98
C SER E 167 8.50 -30.78 4.43
N VAL E 168 9.54 -30.16 4.99
CA VAL E 168 9.50 -29.59 6.35
C VAL E 168 9.83 -28.09 6.40
N LEU E 169 9.07 -27.37 7.22
CA LEU E 169 9.25 -25.96 7.58
C LEU E 169 9.51 -25.90 9.07
N TYR E 170 10.66 -25.35 9.42
CA TYR E 170 11.03 -25.13 10.82
C TYR E 170 11.04 -23.63 11.15
N CYS E 171 10.12 -23.20 12.01
CA CYS E 171 10.02 -21.79 12.43
C CYS E 171 10.61 -21.64 13.77
N LEU E 172 11.50 -20.67 13.93
CA LEU E 172 12.14 -20.43 15.23
C LEU E 172 11.42 -19.22 15.85
N GLY E 173 10.80 -19.40 17.02
CA GLY E 173 10.05 -18.33 17.67
C GLY E 173 8.58 -18.64 18.02
N LYS E 174 8.36 -19.06 19.26
CA LYS E 174 6.99 -19.34 19.69
C LYS E 174 6.05 -18.10 19.51
N THR E 175 6.57 -16.91 19.76
CA THR E 175 5.72 -15.75 19.81
C THR E 175 5.19 -15.45 18.40
N ASP E 176 6.08 -15.32 17.42
CA ASP E 176 5.66 -14.91 16.08
C ASP E 176 5.15 -16.01 15.16
N PHE E 177 5.34 -17.29 15.53
CA PHE E 177 4.88 -18.37 14.65
C PHE E 177 3.73 -19.27 15.14
N SER E 178 3.07 -18.93 16.25
CA SER E 178 1.84 -19.65 16.65
C SER E 178 0.81 -19.68 15.55
N ASN E 179 0.67 -18.53 14.91
CA ASN E 179 -0.38 -18.25 13.96
C ASN E 179 -0.06 -18.64 12.52
N ILE E 180 0.95 -19.47 12.32
CA ILE E 180 1.63 -19.56 11.01
C ILE E 180 0.81 -20.30 9.96
N ARG E 181 0.06 -21.28 10.43
CA ARG E 181 -0.90 -22.00 9.60
C ARG E 181 -1.84 -21.02 8.92
N ALA E 182 -2.41 -20.08 9.69
CA ALA E 182 -3.16 -18.98 9.08
C ALA E 182 -2.43 -18.34 7.91
N LYS E 183 -1.20 -17.90 8.14
CA LYS E 183 -0.40 -17.25 7.08
C LYS E 183 -0.08 -18.11 5.87
N LEU E 184 -0.13 -19.43 6.01
CA LEU E 184 0.05 -20.33 4.85
C LEU E 184 -1.24 -20.84 4.20
N GLU E 185 -1.14 -21.11 2.92
CA GLU E 185 -2.31 -21.53 2.12
C GLU E 185 -2.58 -23.03 2.38
N SER E 186 -1.91 -23.90 1.63
CA SER E 186 -2.08 -25.34 1.73
C SER E 186 -1.04 -25.92 2.70
N PRO E 187 -1.38 -26.99 3.40
CA PRO E 187 -0.55 -27.44 4.49
C PRO E 187 0.82 -28.02 4.06
N VAL E 188 1.75 -27.96 5.02
CA VAL E 188 3.14 -28.43 4.88
C VAL E 188 3.55 -28.77 6.29
N THR E 189 4.41 -29.77 6.45
CA THR E 189 4.79 -30.21 7.81
C THR E 189 5.38 -28.98 8.47
N THR E 190 4.94 -28.67 9.69
CA THR E 190 5.38 -27.42 10.28
C THR E 190 5.76 -27.61 11.69
N ILE E 191 7.03 -27.32 11.96
CA ILE E 191 7.51 -27.31 13.32
C ILE E 191 7.84 -25.87 13.76
N VAL E 192 7.28 -25.49 14.91
CA VAL E 192 7.45 -24.19 15.52
C VAL E 192 8.06 -24.47 16.86
N GLY E 193 9.30 -24.04 17.06
CA GLY E 193 9.97 -24.17 18.37
C GLY E 193 10.41 -22.86 18.94
N TYR E 194 11.09 -22.94 20.07
CA TYR E 194 11.67 -21.77 20.72
C TYR E 194 12.72 -21.12 19.87
N HIS E 195 12.80 -19.81 19.97
CA HIS E 195 13.83 -19.05 19.28
C HIS E 195 15.16 -19.20 20.05
N PRO E 196 16.30 -19.19 19.35
CA PRO E 196 17.62 -19.28 19.99
C PRO E 196 18.00 -18.16 21.00
N ALA E 197 17.59 -16.93 20.74
CA ALA E 197 17.71 -15.79 21.67
C ALA E 197 16.66 -15.71 22.77
N ALA E 198 15.85 -16.75 22.90
CA ALA E 198 14.86 -16.77 23.95
C ALA E 198 15.64 -16.60 25.25
N ARG E 199 15.10 -15.80 26.18
CA ARG E 199 15.83 -15.30 27.38
C ARG E 199 15.89 -16.15 28.65
N ASP E 200 15.63 -17.45 28.50
CA ASP E 200 15.59 -18.36 29.61
C ASP E 200 16.01 -19.80 29.24
N ARG E 201 17.02 -19.94 28.36
CA ARG E 201 17.64 -21.24 28.09
C ARG E 201 16.63 -22.31 27.70
N GLN E 202 15.74 -21.94 26.80
CA GLN E 202 14.71 -22.82 26.32
C GLN E 202 15.26 -23.49 25.08
N PHE E 203 15.88 -22.74 24.19
CA PHE E 203 16.49 -23.36 23.02
C PHE E 203 17.53 -24.45 23.31
N GLU E 204 18.19 -24.38 24.46
CA GLU E 204 18.98 -25.50 24.95
C GLU E 204 18.28 -26.88 24.95
N LYS E 205 16.99 -26.93 25.27
CA LYS E 205 16.22 -28.21 25.28
C LYS E 205 15.47 -28.53 23.99
N ASP E 206 15.59 -27.65 23.00
CA ASP E 206 14.95 -27.78 21.69
C ASP E 206 15.62 -28.96 20.99
N ARG E 207 14.83 -29.87 20.38
CA ARG E 207 15.37 -31.07 19.73
C ARG E 207 14.98 -31.04 18.27
N SER E 208 14.72 -29.85 17.76
CA SER E 208 14.09 -29.70 16.47
C SER E 208 14.92 -30.18 15.32
N PHE E 209 16.23 -30.27 15.47
CA PHE E 209 17.03 -30.72 14.33
C PHE E 209 16.99 -32.24 14.15
N GLU E 210 16.92 -32.97 15.28
CA GLU E 210 16.68 -34.42 15.25
C GLU E 210 15.31 -34.65 14.62
N ILE E 211 14.36 -33.84 15.10
CA ILE E 211 12.98 -33.90 14.69
C ILE E 211 12.77 -33.64 13.20
N ILE E 212 13.47 -32.68 12.61
CA ILE E 212 13.36 -32.49 11.17
C ILE E 212 13.76 -33.77 10.41
N ASN E 213 14.81 -34.45 10.86
CA ASN E 213 15.25 -35.68 10.20
C ASN E 213 14.25 -36.84 10.32
N VAL E 214 13.76 -37.12 11.52
CA VAL E 214 12.68 -38.09 11.70
C VAL E 214 11.45 -37.83 10.77
N LEU E 215 11.04 -36.57 10.59
CA LEU E 215 9.88 -36.23 9.72
C LEU E 215 10.21 -36.40 8.25
N LEU E 216 11.47 -36.24 7.91
CA LEU E 216 11.93 -36.43 6.56
C LEU E 216 11.96 -37.93 6.22
N GLU E 217 12.23 -38.78 7.21
CA GLU E 217 12.19 -40.24 6.99
C GLU E 217 10.75 -40.61 6.73
N LEU E 218 9.89 -40.18 7.64
CA LEU E 218 8.46 -40.33 7.49
C LEU E 218 7.88 -39.77 6.21
N ASP E 219 8.61 -38.92 5.46
CA ASP E 219 8.16 -38.52 4.09
C ASP E 219 9.06 -39.21 3.02
N ASN E 220 9.82 -40.22 3.42
CA ASN E 220 10.77 -40.92 2.55
C ASN E 220 11.67 -39.95 1.75
N LYS E 221 12.40 -39.17 2.53
CA LYS E 221 13.33 -38.13 2.08
C LYS E 221 14.64 -38.34 2.89
N VAL E 222 15.77 -37.90 2.34
CA VAL E 222 17.10 -38.09 3.00
C VAL E 222 17.26 -37.21 4.25
N PRO E 223 17.69 -37.76 5.41
CA PRO E 223 18.13 -36.86 6.49
C PRO E 223 19.00 -35.67 6.08
N ILE E 224 18.93 -34.62 6.87
CA ILE E 224 19.75 -33.43 6.66
C ILE E 224 21.03 -33.62 7.43
N ASN E 225 22.15 -33.41 6.75
CA ASN E 225 23.44 -33.46 7.40
C ASN E 225 23.82 -32.10 8.05
N TRP E 226 23.66 -32.02 9.37
CA TRP E 226 23.69 -30.73 10.08
C TRP E 226 25.11 -30.23 10.29
N ALA E 227 26.03 -31.15 10.56
CA ALA E 227 27.45 -30.79 10.63
C ALA E 227 27.98 -30.21 9.31
N GLN E 228 27.24 -30.35 8.21
CA GLN E 228 27.60 -29.67 6.95
C GLN E 228 27.77 -28.13 6.98
N GLY E 229 27.24 -27.48 8.02
CA GLY E 229 27.28 -26.05 8.12
C GLY E 229 28.12 -25.57 9.27
N PHE E 230 29.18 -26.28 9.59
CA PHE E 230 30.22 -25.71 10.41
C PHE E 230 31.29 -25.10 9.50
N ILE E 231 31.84 -23.98 9.96
CA ILE E 231 32.94 -23.33 9.28
C ILE E 231 34.17 -23.59 10.16
N TYR E 232 35.23 -24.08 9.50
CA TYR E 232 36.33 -24.74 10.23
C TYR E 232 37.55 -23.87 10.29
N MET F 3 11.72 -28.32 26.10
CA MET F 3 11.08 -28.62 27.42
C MET F 3 10.12 -29.84 27.33
N ALA F 4 9.28 -29.85 26.29
CA ALA F 4 8.46 -30.97 25.81
C ALA F 4 8.71 -31.23 24.30
N SER F 5 9.86 -30.80 23.81
CA SER F 5 10.33 -31.09 22.48
C SER F 5 10.96 -32.50 22.50
N SER F 6 11.33 -32.99 23.69
CA SER F 6 11.86 -34.36 23.87
C SER F 6 10.77 -35.42 23.72
N ALA F 7 9.69 -35.27 24.48
CA ALA F 7 8.52 -36.13 24.32
C ALA F 7 8.05 -36.18 22.86
N ASP F 8 8.06 -35.03 22.17
CA ASP F 8 7.78 -35.00 20.75
C ASP F 8 8.73 -35.86 19.91
N LEU F 9 10.02 -35.86 20.25
CA LEU F 9 10.99 -36.66 19.50
C LEU F 9 10.76 -38.13 19.77
N THR F 10 10.60 -38.47 21.05
CA THR F 10 10.30 -39.86 21.44
C THR F 10 9.15 -40.51 20.66
N ASN F 11 8.09 -39.75 20.46
CA ASN F 11 6.89 -40.25 19.79
C ASN F 11 7.04 -40.39 18.29
N LEU F 12 7.69 -39.43 17.65
CA LEU F 12 7.95 -39.55 16.22
C LEU F 12 8.89 -40.69 15.95
N LYS F 13 9.87 -40.88 16.83
CA LYS F 13 10.73 -42.04 16.77
C LYS F 13 9.87 -43.32 16.80
N GLU F 14 8.97 -43.41 17.78
CA GLU F 14 8.06 -44.55 17.97
C GLU F 14 7.15 -44.75 16.72
N LEU F 15 6.58 -43.67 16.20
CA LEU F 15 5.81 -43.70 14.96
C LEU F 15 6.57 -44.23 13.73
N LEU F 16 7.86 -43.92 13.63
CA LEU F 16 8.69 -44.42 12.52
C LEU F 16 8.97 -45.93 12.69
N SER F 17 9.36 -46.30 13.91
CA SER F 17 9.64 -47.69 14.30
C SER F 17 8.43 -48.62 14.13
N LEU F 18 7.24 -48.07 14.39
CA LEU F 18 5.97 -48.75 14.13
C LEU F 18 5.69 -48.91 12.64
N TYR F 19 5.78 -47.84 11.85
CA TYR F 19 5.54 -47.93 10.39
C TYR F 19 6.39 -49.05 9.82
N LYS F 20 7.54 -49.30 10.42
CA LYS F 20 8.39 -50.41 10.01
C LYS F 20 7.96 -51.78 10.59
N SER F 21 7.81 -51.91 11.91
CA SER F 21 7.48 -53.22 12.53
C SER F 21 6.06 -53.79 12.26
N LEU F 22 5.17 -52.91 11.81
CA LEU F 22 3.73 -53.13 11.82
C LEU F 22 3.23 -54.29 10.94
N ARG F 23 2.38 -55.14 11.54
CA ARG F 23 1.66 -56.21 10.83
C ARG F 23 0.14 -56.02 10.94
N PHE F 24 -0.52 -55.96 9.79
CA PHE F 24 -1.99 -55.93 9.73
C PHE F 24 -2.72 -56.93 10.62
N SER F 25 -2.02 -58.03 10.93
CA SER F 25 -2.42 -59.03 11.95
C SER F 25 -2.27 -58.63 13.44
N ASP F 26 -1.92 -57.37 13.74
CA ASP F 26 -1.73 -56.89 15.13
C ASP F 26 -2.73 -55.78 15.46
N SER F 27 -3.68 -56.11 16.32
CA SER F 27 -4.71 -55.18 16.72
C SER F 27 -4.13 -53.96 17.43
N ALA F 28 -3.46 -54.18 18.57
CA ALA F 28 -3.00 -53.10 19.48
C ALA F 28 -2.08 -52.07 18.80
N ALA F 29 -1.08 -52.62 18.12
CA ALA F 29 -0.12 -51.86 17.31
C ALA F 29 -0.77 -50.90 16.29
N ILE F 30 -1.72 -51.38 15.49
CA ILE F 30 -2.48 -50.52 14.58
C ILE F 30 -3.25 -49.40 15.31
N GLU F 31 -3.78 -49.70 16.50
CA GLU F 31 -4.47 -48.69 17.33
C GLU F 31 -3.49 -47.62 17.83
N LYS F 32 -2.28 -48.03 18.21
CA LYS F 32 -1.22 -47.09 18.59
C LYS F 32 -0.76 -46.28 17.40
N TYR F 33 -0.30 -46.97 16.35
CA TYR F 33 0.16 -46.37 15.11
C TYR F 33 -0.81 -45.30 14.67
N ASN F 34 -2.08 -45.69 14.52
CA ASN F 34 -3.11 -44.71 14.17
C ASN F 34 -3.23 -43.49 15.10
N SER F 35 -3.19 -43.69 16.41
CA SER F 35 -3.32 -42.55 17.34
C SER F 35 -2.12 -41.59 17.22
N LEU F 36 -0.94 -42.16 16.95
CA LEU F 36 0.26 -41.38 16.64
C LEU F 36 0.16 -40.61 15.33
N VAL F 37 -0.49 -41.19 14.32
CA VAL F 37 -0.63 -40.47 13.05
C VAL F 37 -1.50 -39.24 13.25
N GLU F 38 -2.54 -39.40 14.06
CA GLU F 38 -3.44 -38.32 14.37
C GLU F 38 -2.72 -37.23 15.14
N TRP F 39 -2.05 -37.64 16.22
CA TRP F 39 -1.21 -36.74 17.01
C TRP F 39 -0.15 -35.98 16.17
N GLY F 40 0.60 -36.70 15.33
CA GLY F 40 1.53 -36.07 14.44
C GLY F 40 0.93 -35.11 13.41
N THR F 41 -0.21 -35.45 12.82
CA THR F 41 -0.88 -34.57 11.83
C THR F 41 -1.54 -33.36 12.52
N SER F 42 -1.96 -33.52 13.76
CA SER F 42 -2.51 -32.40 14.51
C SER F 42 -1.33 -31.48 14.94
N THR F 43 -0.36 -32.08 15.66
CA THR F 43 0.90 -31.44 16.08
C THR F 43 1.68 -30.74 14.97
N TYR F 44 2.10 -31.43 13.92
CA TYR F 44 2.85 -30.75 12.80
C TYR F 44 2.04 -30.43 11.55
N TRP F 45 0.71 -30.53 11.63
CA TRP F 45 -0.23 -30.14 10.52
C TRP F 45 -0.32 -31.18 9.40
N LYS F 46 0.82 -31.77 9.04
CA LYS F 46 0.95 -32.70 7.95
C LYS F 46 2.20 -33.56 8.10
N ILE F 47 2.07 -34.87 7.87
CA ILE F 47 3.21 -35.78 7.87
C ILE F 47 3.10 -36.66 6.66
N GLY F 48 4.14 -37.43 6.35
CA GLY F 48 4.19 -38.25 5.12
C GLY F 48 3.65 -39.68 5.21
N VAL F 49 3.01 -40.04 6.32
CA VAL F 49 2.42 -41.36 6.54
C VAL F 49 0.93 -41.22 6.86
N GLN F 50 0.10 -42.20 6.42
CA GLN F 50 -1.35 -42.21 6.75
C GLN F 50 -1.74 -43.25 7.80
N LYS F 51 -2.93 -43.04 8.36
CA LYS F 51 -3.58 -44.04 9.17
C LYS F 51 -3.80 -45.26 8.27
N VAL F 52 -3.63 -46.46 8.82
CA VAL F 52 -4.11 -47.70 8.15
C VAL F 52 -5.61 -47.91 8.39
N ASP I 13 37.38 6.47 -24.82
CA ASP I 13 36.47 5.48 -25.49
C ASP I 13 34.96 5.45 -25.10
N PRO I 14 34.41 6.45 -24.32
CA PRO I 14 32.93 6.50 -24.23
C PRO I 14 32.35 7.70 -24.98
N MET I 15 32.97 8.06 -26.11
CA MET I 15 32.57 9.23 -26.90
C MET I 15 32.41 8.83 -28.34
N ASN I 16 31.31 9.28 -28.93
CA ASN I 16 30.90 8.86 -30.23
C ASN I 16 30.83 10.04 -31.20
N SER I 17 30.47 9.75 -32.45
CA SER I 17 30.30 10.78 -33.48
C SER I 17 29.10 10.52 -34.36
N VAL I 18 28.68 11.56 -35.04
CA VAL I 18 27.77 11.44 -36.16
C VAL I 18 27.99 12.69 -37.04
N THR I 19 27.82 12.53 -38.37
CA THR I 19 27.88 13.65 -39.33
C THR I 19 26.46 14.07 -39.74
N VAL I 20 26.32 15.34 -40.14
CA VAL I 20 25.04 15.95 -40.53
C VAL I 20 25.20 16.87 -41.73
N SER I 21 24.14 16.99 -42.52
CA SER I 21 24.16 17.72 -43.80
C SER I 21 24.88 19.06 -43.72
N HIS I 22 24.45 19.94 -42.81
CA HIS I 22 24.98 21.34 -42.75
C HIS I 22 25.77 21.59 -41.47
N ALA I 23 26.15 22.86 -41.26
CA ALA I 23 26.95 23.26 -40.10
C ALA I 23 26.22 22.91 -38.81
N PRO I 24 26.90 22.33 -37.81
CA PRO I 24 28.37 22.18 -37.76
C PRO I 24 28.92 20.82 -38.27
N TYR I 25 28.21 20.13 -39.16
CA TYR I 25 28.72 18.91 -39.87
C TYR I 25 28.94 17.68 -38.96
N THR I 26 29.68 17.85 -37.85
CA THR I 26 29.87 16.82 -36.81
C THR I 26 29.20 17.14 -35.46
N ILE I 27 28.83 16.07 -34.75
CA ILE I 27 28.30 16.16 -33.40
C ILE I 27 28.92 15.09 -32.50
N THR I 28 29.77 15.52 -31.58
CA THR I 28 30.31 14.62 -30.55
C THR I 28 29.26 14.40 -29.46
N TYR I 29 29.04 13.14 -29.07
CA TYR I 29 28.01 12.85 -28.10
C TYR I 29 28.38 11.66 -27.18
N HIS I 30 27.96 11.76 -25.92
CA HIS I 30 28.25 10.75 -24.90
C HIS I 30 27.33 9.54 -25.09
N ASP I 31 27.87 8.35 -24.80
CA ASP I 31 27.17 7.06 -25.03
C ASP I 31 25.69 7.05 -24.61
N ASP I 32 25.33 7.88 -23.63
CA ASP I 32 24.01 7.88 -23.01
C ASP I 32 22.94 8.45 -23.96
N TRP I 33 23.37 9.26 -24.93
CA TRP I 33 22.46 9.82 -25.92
C TRP I 33 22.15 8.87 -27.11
N GLU I 34 22.90 7.77 -27.24
CA GLU I 34 22.77 6.88 -28.40
C GLU I 34 21.31 6.79 -28.92
N PRO I 35 20.33 6.42 -28.06
CA PRO I 35 18.94 6.20 -28.55
C PRO I 35 18.19 7.35 -29.26
N VAL I 36 18.67 8.58 -29.18
CA VAL I 36 18.02 9.68 -29.91
C VAL I 36 18.81 10.20 -31.11
N MET I 37 20.05 9.75 -31.28
CA MET I 37 20.94 10.36 -32.27
C MET I 37 20.52 10.17 -33.73
N SER I 38 19.97 9.02 -34.07
CA SER I 38 19.51 8.79 -35.44
C SER I 38 18.38 9.78 -35.71
N GLN I 39 17.34 9.69 -34.89
CA GLN I 39 16.17 10.58 -35.00
C GLN I 39 16.53 12.08 -34.95
N LEU I 40 17.59 12.40 -34.23
CA LEU I 40 18.08 13.77 -34.15
C LEU I 40 18.62 14.25 -35.49
N VAL I 41 19.46 13.43 -36.14
CA VAL I 41 20.10 13.81 -37.42
C VAL I 41 19.04 13.97 -38.53
N GLU I 42 18.13 13.01 -38.59
CA GLU I 42 16.99 13.12 -39.45
C GLU I 42 16.27 14.49 -39.27
N PHE I 43 15.80 14.76 -38.04
CA PHE I 43 15.08 16.00 -37.72
C PHE I 43 15.90 17.28 -37.96
N TYR I 44 17.22 17.19 -37.74
CA TYR I 44 18.12 18.37 -37.90
C TYR I 44 18.46 18.65 -39.35
N ASN I 45 18.54 17.59 -40.16
CA ASN I 45 18.72 17.78 -41.58
C ASN I 45 17.46 18.38 -42.21
N GLU I 46 16.27 17.97 -41.76
CA GLU I 46 15.04 18.66 -42.20
C GLU I 46 15.18 20.20 -42.12
N VAL I 47 15.86 20.76 -41.09
CA VAL I 47 15.78 22.24 -40.77
C VAL I 47 17.09 23.09 -40.70
N ALA I 48 18.25 22.47 -40.48
CA ALA I 48 19.51 23.23 -40.30
C ALA I 48 19.70 24.42 -41.27
N SER I 49 19.70 24.13 -42.57
CA SER I 49 19.85 25.15 -43.62
C SER I 49 18.97 26.39 -43.35
N TRP I 50 17.73 26.15 -42.90
CA TRP I 50 16.77 27.24 -42.71
C TRP I 50 17.11 28.15 -41.53
N LEU I 51 17.82 27.65 -40.54
CA LEU I 51 18.18 28.53 -39.44
C LEU I 51 19.60 29.09 -39.58
N LEU I 52 20.51 28.34 -40.23
CA LEU I 52 21.85 28.84 -40.53
C LEU I 52 21.85 30.19 -41.35
N ARG I 53 20.72 30.55 -41.98
CA ARG I 53 20.53 31.89 -42.56
C ARG I 53 20.89 32.98 -41.60
N ASP I 54 20.47 32.79 -40.35
CA ASP I 54 20.67 33.76 -39.27
C ASP I 54 22.05 33.64 -38.56
N GLU I 55 22.55 34.75 -38.02
CA GLU I 55 23.61 34.65 -37.03
C GLU I 55 22.93 34.11 -35.74
N THR I 56 23.60 33.18 -35.08
CA THR I 56 23.02 32.45 -33.96
C THR I 56 23.77 32.65 -32.63
N SER I 57 22.99 32.83 -31.57
CA SER I 57 23.48 32.64 -30.22
C SER I 57 23.06 31.23 -29.82
N PRO I 58 23.99 30.35 -29.51
CA PRO I 58 25.40 30.49 -29.75
C PRO I 58 25.79 30.18 -31.24
N ILE I 59 27.09 30.17 -31.55
CA ILE I 59 27.59 29.85 -32.90
C ILE I 59 27.34 28.35 -33.18
N PRO I 60 27.29 27.93 -34.47
CA PRO I 60 26.79 26.56 -34.63
C PRO I 60 27.67 25.41 -34.08
N ASP I 61 28.96 25.64 -33.81
CA ASP I 61 29.78 24.58 -33.18
C ASP I 61 29.29 24.30 -31.76
N LYS I 62 28.75 25.32 -31.11
CA LYS I 62 28.25 25.27 -29.75
C LYS I 62 26.84 24.67 -29.53
N PHE I 63 25.98 24.76 -30.52
CA PHE I 63 24.61 24.26 -30.42
C PHE I 63 24.49 23.08 -29.45
N PHE I 64 25.32 22.06 -29.68
CA PHE I 64 25.17 20.75 -29.07
C PHE I 64 26.22 20.35 -28.04
N ILE I 65 27.03 21.28 -27.52
CA ILE I 65 28.07 20.85 -26.51
C ILE I 65 27.52 20.01 -25.37
N GLN I 66 26.29 20.31 -24.95
CA GLN I 66 25.65 19.58 -23.85
C GLN I 66 25.47 18.09 -24.09
N LEU I 67 25.54 17.63 -25.34
CA LEU I 67 25.49 16.19 -25.59
C LEU I 67 26.78 15.50 -25.20
N LYS I 68 27.84 16.26 -24.92
CA LYS I 68 29.02 15.70 -24.27
C LYS I 68 28.72 15.21 -22.84
N GLN I 69 27.77 15.84 -22.14
CA GLN I 69 27.40 15.48 -20.76
C GLN I 69 26.70 14.12 -20.62
N PRO I 70 27.09 13.33 -19.58
CA PRO I 70 26.38 12.07 -19.33
C PRO I 70 25.03 12.30 -18.68
N LEU I 71 24.18 11.28 -18.77
CA LEU I 71 22.89 11.28 -18.11
C LEU I 71 22.74 10.24 -17.01
N ARG I 72 23.59 9.20 -16.99
CA ARG I 72 23.48 8.14 -15.97
C ARG I 72 23.64 8.61 -14.51
N ASN I 73 24.36 9.73 -14.32
CA ASN I 73 24.66 10.26 -12.99
C ASN I 73 23.98 11.60 -12.70
N LYS I 74 22.84 11.83 -13.34
CA LYS I 74 22.08 13.07 -13.15
C LYS I 74 20.74 12.76 -12.48
N ARG I 75 20.36 13.60 -11.52
CA ARG I 75 19.06 13.48 -10.88
C ARG I 75 18.19 14.73 -10.99
N VAL I 76 18.82 15.86 -11.31
CA VAL I 76 18.14 17.10 -11.63
C VAL I 76 18.52 17.59 -13.01
N CYS I 77 17.52 18.11 -13.71
CA CYS I 77 17.71 18.91 -14.93
C CYS I 77 17.15 20.28 -14.63
N VAL I 78 18.01 21.28 -14.72
CA VAL I 78 17.56 22.68 -14.71
C VAL I 78 17.50 23.01 -16.16
N CYS I 79 16.35 23.53 -16.58
CA CYS I 79 16.08 23.74 -17.99
C CYS I 79 15.52 25.13 -18.27
N GLY I 80 16.24 25.95 -19.05
CA GLY I 80 15.75 27.22 -19.54
C GLY I 80 15.12 27.12 -20.93
N ILE I 81 14.80 28.29 -21.49
CA ILE I 81 14.00 28.47 -22.72
C ILE I 81 14.90 28.27 -23.95
N ASP I 82 15.86 29.19 -24.14
CA ASP I 82 16.83 29.17 -25.24
C ASP I 82 18.09 29.92 -24.81
N PRO I 83 19.14 29.97 -25.66
CA PRO I 83 20.36 30.63 -25.18
C PRO I 83 20.19 32.12 -25.09
N TYR I 84 21.11 32.78 -24.39
CA TYR I 84 21.08 34.24 -24.24
C TYR I 84 20.89 34.82 -25.67
N PRO I 85 20.15 35.94 -25.79
CA PRO I 85 20.04 36.67 -27.05
C PRO I 85 21.38 36.88 -27.78
N LYS I 86 22.42 37.26 -27.04
CA LYS I 86 23.80 37.30 -27.59
C LYS I 86 24.77 36.63 -26.63
N ASP I 87 25.90 36.18 -27.14
CA ASP I 87 27.01 35.70 -26.33
C ASP I 87 26.76 34.33 -25.73
N GLY I 88 25.78 33.61 -26.25
CA GLY I 88 25.52 32.26 -25.78
C GLY I 88 26.76 31.42 -26.04
N THR I 89 27.10 30.56 -25.09
CA THR I 89 28.25 29.68 -25.21
C THR I 89 27.86 28.27 -25.57
N GLY I 90 26.55 27.96 -25.50
CA GLY I 90 26.04 26.59 -25.68
C GLY I 90 25.87 25.73 -24.43
N VAL I 91 26.41 26.26 -23.31
CA VAL I 91 26.14 25.78 -21.95
C VAL I 91 25.06 26.72 -21.41
N PRO I 92 23.90 26.13 -21.13
CA PRO I 92 22.80 26.99 -20.73
C PRO I 92 23.22 27.77 -19.49
N PHE I 93 22.94 29.06 -19.58
CA PHE I 93 23.16 30.05 -18.55
C PHE I 93 24.59 30.51 -18.41
N GLU I 94 25.55 29.73 -18.90
CA GLU I 94 26.97 30.11 -18.79
C GLU I 94 27.26 31.56 -19.25
N SER I 95 27.90 32.34 -18.37
CA SER I 95 28.47 33.63 -18.74
C SER I 95 29.89 33.70 -18.11
N PRO I 96 30.93 33.21 -18.83
CA PRO I 96 32.35 33.12 -18.36
C PRO I 96 32.90 34.33 -17.59
N ASN I 97 32.55 35.51 -18.08
CA ASN I 97 32.93 36.80 -17.52
C ASN I 97 31.81 37.37 -16.66
N PHE I 98 30.88 36.51 -16.20
CA PHE I 98 29.81 36.85 -15.22
C PHE I 98 29.21 38.25 -15.38
N THR I 99 28.60 38.48 -16.53
CA THR I 99 27.92 39.75 -16.86
C THR I 99 26.43 39.61 -17.23
N LYS I 100 25.99 38.41 -17.65
CA LYS I 100 24.57 38.16 -18.01
C LYS I 100 23.58 38.20 -16.83
N LYS I 101 22.54 39.04 -16.91
CA LYS I 101 21.54 39.15 -15.87
C LYS I 101 21.09 37.79 -15.26
N SER I 102 20.73 36.88 -16.13
CA SER I 102 20.03 35.70 -15.68
C SER I 102 20.86 34.87 -14.72
N ILE I 103 22.14 34.65 -15.06
CA ILE I 103 23.08 33.99 -14.15
C ILE I 103 23.34 34.82 -12.88
N LYS I 104 23.19 36.15 -12.92
CA LYS I 104 23.42 36.96 -11.72
C LYS I 104 22.33 36.73 -10.69
N GLU I 105 21.11 37.00 -11.12
CA GLU I 105 19.88 36.71 -10.36
C GLU I 105 19.87 35.31 -9.78
N ILE I 106 20.34 34.35 -10.57
CA ILE I 106 20.45 32.97 -10.09
C ILE I 106 21.49 32.84 -8.98
N ALA I 107 22.67 33.44 -9.18
CA ALA I 107 23.73 33.40 -8.16
C ALA I 107 23.25 34.04 -6.85
N SER I 108 22.55 35.20 -6.91
CA SER I 108 21.93 35.79 -5.70
C SER I 108 21.10 34.77 -4.93
N SER I 109 20.09 34.21 -5.61
CA SER I 109 19.23 33.20 -5.03
C SER I 109 20.05 32.17 -4.30
N ILE I 110 21.12 31.66 -4.92
CA ILE I 110 21.96 30.59 -4.34
C ILE I 110 22.89 31.11 -3.22
N SER I 111 23.25 32.41 -3.26
CA SER I 111 23.88 33.08 -2.12
C SER I 111 22.99 32.98 -0.89
N ARG I 112 21.76 33.49 -1.00
CA ARG I 112 20.78 33.47 0.10
C ARG I 112 20.56 32.07 0.67
N LEU I 113 20.46 31.09 -0.19
CA LEU I 113 20.24 29.73 0.26
C LEU I 113 21.44 29.12 1.02
N THR I 114 22.63 29.24 0.46
CA THR I 114 23.78 28.56 0.99
C THR I 114 24.52 29.34 2.05
N GLY I 115 24.43 30.68 2.02
CA GLY I 115 25.26 31.55 2.88
C GLY I 115 26.57 32.11 2.28
N VAL I 116 27.09 31.48 1.23
CA VAL I 116 28.23 32.00 0.46
C VAL I 116 27.88 33.37 -0.15
N ILE I 117 28.53 34.43 0.34
CA ILE I 117 28.32 35.82 -0.14
C ILE I 117 29.45 36.32 -1.02
N ASP I 118 30.54 35.54 -1.05
CA ASP I 118 31.81 35.89 -1.68
C ASP I 118 32.11 35.01 -2.89
N TYR I 119 31.89 35.57 -4.08
CA TYR I 119 32.04 34.83 -5.34
C TYR I 119 32.23 35.86 -6.44
N LYS I 120 32.89 35.42 -7.50
CA LYS I 120 33.10 36.21 -8.73
C LYS I 120 32.25 35.71 -9.89
N GLY I 121 32.08 34.39 -10.03
CA GLY I 121 31.07 33.78 -10.92
C GLY I 121 30.17 32.68 -10.34
N TYR I 122 29.22 32.21 -11.16
CA TYR I 122 28.43 30.97 -10.89
C TYR I 122 28.15 30.20 -12.18
N ASN I 123 28.32 28.88 -12.15
CA ASN I 123 27.98 28.03 -13.28
C ASN I 123 27.27 26.70 -12.89
N LEU I 124 26.09 26.49 -13.48
CA LEU I 124 25.28 25.29 -13.24
C LEU I 124 25.87 24.01 -13.81
N ASN I 125 26.85 24.15 -14.70
CA ASN I 125 27.40 23.00 -15.37
C ASN I 125 28.43 22.23 -14.56
N ILE I 126 28.79 22.75 -13.39
CA ILE I 126 29.88 22.17 -12.58
C ILE I 126 29.37 21.54 -11.26
N ILE I 127 28.10 21.14 -11.26
CA ILE I 127 27.41 20.76 -10.05
C ILE I 127 27.03 19.30 -10.22
N ASP I 128 27.53 18.42 -9.34
CA ASP I 128 27.29 16.95 -9.48
C ASP I 128 25.80 16.69 -9.36
N GLY I 129 25.30 15.78 -10.19
CA GLY I 129 23.90 15.42 -10.25
C GLY I 129 23.02 16.39 -11.05
N VAL I 130 23.62 17.47 -11.56
CA VAL I 130 22.88 18.49 -12.33
C VAL I 130 23.38 18.73 -13.74
N ILE I 131 22.42 18.74 -14.67
CA ILE I 131 22.65 19.02 -16.07
C ILE I 131 21.82 20.26 -16.40
N PRO I 132 22.48 21.40 -16.59
CA PRO I 132 21.74 22.56 -17.07
C PRO I 132 21.33 22.31 -18.51
N TRP I 133 20.21 22.87 -18.93
CA TRP I 133 19.66 22.54 -20.25
C TRP I 133 18.84 23.67 -20.85
N ASN I 134 18.79 23.70 -22.16
CA ASN I 134 17.99 24.68 -22.89
C ASN I 134 17.03 23.91 -23.74
N TYR I 135 15.76 24.33 -23.69
CA TYR I 135 14.72 23.60 -24.40
C TYR I 135 14.91 23.78 -25.91
N TYR I 136 15.02 25.03 -26.35
CA TYR I 136 15.38 25.38 -27.73
C TYR I 136 16.87 25.69 -27.75
N LEU I 137 17.60 25.17 -28.72
CA LEU I 137 19.08 25.15 -28.72
C LEU I 137 19.87 26.32 -29.40
N SER I 138 19.14 27.23 -30.02
CA SER I 138 19.69 28.44 -30.57
C SER I 138 18.58 29.46 -30.72
N CYS I 139 18.98 30.68 -31.04
CA CYS I 139 18.06 31.72 -31.43
C CYS I 139 18.74 32.64 -32.49
N LYS I 140 17.93 33.31 -33.31
CA LYS I 140 18.46 34.39 -34.14
C LYS I 140 19.13 35.35 -33.16
N LEU I 141 20.33 35.82 -33.55
CA LEU I 141 21.10 36.74 -32.75
C LEU I 141 20.29 37.98 -32.36
N GLY I 142 20.16 38.17 -31.03
CA GLY I 142 19.38 39.24 -30.41
C GLY I 142 17.87 39.12 -30.38
N GLU I 143 17.30 38.00 -30.84
CA GLU I 143 15.84 37.80 -30.82
C GLU I 143 15.56 36.54 -30.03
N THR I 144 15.05 36.70 -28.80
CA THR I 144 14.74 35.54 -27.93
C THR I 144 13.61 34.74 -28.59
N LYS I 145 13.72 33.40 -28.58
CA LYS I 145 12.67 32.52 -29.13
C LYS I 145 12.41 32.54 -30.65
N SER I 146 13.04 33.43 -31.41
CA SER I 146 12.93 33.43 -32.87
C SER I 146 13.14 32.03 -33.53
N HIS I 147 13.95 31.16 -32.94
CA HIS I 147 14.13 29.77 -33.43
C HIS I 147 13.29 28.65 -32.84
N ALA I 148 12.25 28.97 -32.08
CA ALA I 148 11.43 27.93 -31.39
C ALA I 148 10.89 26.89 -32.41
N ILE I 149 10.15 27.43 -33.37
CA ILE I 149 9.44 26.66 -34.39
C ILE I 149 10.37 25.67 -35.11
N TYR I 150 11.61 26.06 -35.40
CA TYR I 150 12.60 25.14 -36.00
C TYR I 150 12.99 23.96 -35.09
N TRP I 151 13.12 24.17 -33.76
CA TRP I 151 13.56 23.07 -32.83
C TRP I 151 12.43 22.17 -32.28
N ASP I 152 11.16 22.62 -32.35
CA ASP I 152 10.07 21.92 -31.69
C ASP I 152 10.17 20.42 -31.54
N LYS I 153 10.38 19.71 -32.65
CA LYS I 153 10.36 18.23 -32.59
C LYS I 153 11.64 17.69 -31.98
N ILE I 154 12.72 18.43 -32.17
CA ILE I 154 13.98 18.07 -31.54
C ILE I 154 13.97 18.29 -30.03
N SER I 155 13.55 19.47 -29.59
CA SER I 155 13.39 19.77 -28.18
C SER I 155 12.56 18.67 -27.50
N LYS I 156 11.45 18.28 -28.13
CA LYS I 156 10.53 17.29 -27.54
C LYS I 156 11.28 16.00 -27.29
N LEU I 157 12.00 15.56 -28.32
CA LEU I 157 12.77 14.33 -28.31
C LEU I 157 13.80 14.28 -27.18
N LEU I 158 14.62 15.33 -27.12
CA LEU I 158 15.75 15.43 -26.25
C LEU I 158 15.37 15.59 -24.80
N LEU I 159 14.43 16.48 -24.53
CA LEU I 159 14.00 16.65 -23.15
C LEU I 159 13.45 15.32 -22.61
N GLN I 160 12.69 14.63 -23.46
CA GLN I 160 12.07 13.38 -23.09
C GLN I 160 13.12 12.38 -22.68
N HIS I 161 14.22 12.39 -23.42
CA HIS I 161 15.34 11.53 -23.11
C HIS I 161 15.99 11.85 -21.75
N ILE I 162 16.24 13.13 -21.52
CA ILE I 162 16.78 13.60 -20.25
C ILE I 162 15.86 13.13 -19.14
N THR I 163 14.56 13.44 -19.24
CA THR I 163 13.64 13.15 -18.15
C THR I 163 13.46 11.67 -17.82
N LYS I 164 13.82 10.75 -18.72
CA LYS I 164 13.92 9.33 -18.36
C LYS I 164 14.98 9.08 -17.27
N HIS I 165 16.00 9.95 -17.19
CA HIS I 165 17.13 9.74 -16.29
C HIS I 165 17.09 10.51 -14.98
N VAL I 166 16.27 11.57 -14.87
CA VAL I 166 16.28 12.46 -13.71
C VAL I 166 15.02 12.25 -12.88
N SER I 167 15.10 12.60 -11.60
CA SER I 167 14.03 12.47 -10.62
C SER I 167 13.22 13.79 -10.67
N VAL I 168 13.89 14.90 -11.00
CA VAL I 168 13.30 16.24 -10.95
C VAL I 168 13.73 17.16 -12.11
N LEU I 169 12.74 17.81 -12.73
CA LEU I 169 12.94 18.77 -13.80
C LEU I 169 12.47 20.13 -13.31
N TYR I 170 13.35 21.13 -13.30
CA TYR I 170 13.03 22.52 -12.91
C TYR I 170 13.12 23.34 -14.21
N CYS I 171 12.01 23.99 -14.57
CA CYS I 171 11.87 24.76 -15.78
C CYS I 171 11.71 26.19 -15.40
N LEU I 172 12.50 27.08 -15.97
CA LEU I 172 12.42 28.52 -15.66
C LEU I 172 11.63 29.27 -16.70
N GLY I 173 10.50 29.82 -16.30
CA GLY I 173 9.66 30.60 -17.18
C GLY I 173 8.25 30.08 -17.22
N LYS I 174 7.34 30.84 -16.62
CA LYS I 174 5.93 30.52 -16.58
C LYS I 174 5.33 30.44 -17.97
N THR I 175 5.52 31.49 -18.73
CA THR I 175 4.98 31.61 -20.08
C THR I 175 5.31 30.42 -20.98
N ASP I 176 6.58 30.11 -21.12
CA ASP I 176 7.01 29.02 -21.99
C ASP I 176 6.87 27.61 -21.46
N PHE I 177 6.60 27.42 -20.18
CA PHE I 177 6.57 26.08 -19.61
C PHE I 177 5.31 25.71 -18.82
N SER I 178 4.33 26.60 -18.71
CA SER I 178 2.99 26.20 -18.26
C SER I 178 2.48 24.95 -19.03
N ASN I 179 2.80 24.89 -20.32
CA ASN I 179 2.42 23.78 -21.18
C ASN I 179 3.20 22.43 -21.01
N ILE I 180 4.23 22.41 -20.20
CA ILE I 180 5.30 21.44 -20.35
C ILE I 180 4.90 19.95 -20.27
N ARG I 181 3.82 19.63 -19.57
CA ARG I 181 3.43 18.25 -19.41
C ARG I 181 2.95 17.68 -20.71
N ALA I 182 2.15 18.48 -21.44
CA ALA I 182 1.83 18.24 -22.86
C ALA I 182 3.01 17.74 -23.69
N LYS I 183 4.16 18.40 -23.54
CA LYS I 183 5.34 18.03 -24.32
C LYS I 183 6.11 16.78 -23.87
N LEU I 184 5.71 16.11 -22.79
CA LEU I 184 6.40 14.88 -22.34
C LEU I 184 5.48 13.66 -22.25
N GLU I 185 5.97 12.51 -22.71
CA GLU I 185 5.20 11.26 -22.57
C GLU I 185 4.84 11.04 -21.11
N SER I 186 5.74 10.37 -20.38
CA SER I 186 5.44 9.88 -19.04
C SER I 186 5.81 10.95 -17.98
N PRO I 187 5.10 10.91 -16.82
CA PRO I 187 5.31 11.92 -15.79
C PRO I 187 6.70 11.88 -15.14
N VAL I 188 7.23 13.07 -14.87
CA VAL I 188 8.41 13.29 -14.08
C VAL I 188 8.09 14.49 -13.16
N THR I 189 8.72 14.54 -11.98
CA THR I 189 8.58 15.66 -11.08
C THR I 189 8.95 16.92 -11.84
N THR I 190 8.03 17.89 -11.86
CA THR I 190 8.22 19.12 -12.62
C THR I 190 7.83 20.33 -11.81
N ILE I 191 8.77 21.27 -11.74
CA ILE I 191 8.64 22.58 -11.11
C ILE I 191 8.73 23.63 -12.20
N VAL I 192 7.76 24.55 -12.25
CA VAL I 192 7.78 25.60 -13.22
C VAL I 192 7.74 26.83 -12.40
N GLY I 193 8.78 27.65 -12.46
CA GLY I 193 8.83 28.91 -11.72
C GLY I 193 9.15 30.06 -12.65
N TYR I 194 9.26 31.28 -12.11
CA TYR I 194 9.49 32.47 -12.93
C TYR I 194 10.88 32.48 -13.52
N HIS I 195 11.06 33.18 -14.62
CA HIS I 195 12.37 33.25 -15.22
C HIS I 195 13.14 34.32 -14.47
N PRO I 196 14.48 34.14 -14.29
CA PRO I 196 15.34 35.14 -13.63
C PRO I 196 15.22 36.51 -14.23
N ALA I 197 15.27 36.55 -15.55
CA ALA I 197 15.02 37.78 -16.34
C ALA I 197 13.61 38.36 -16.33
N ALA I 198 12.71 37.79 -15.56
CA ALA I 198 11.37 38.36 -15.46
C ALA I 198 11.51 39.81 -15.03
N ARG I 199 10.60 40.63 -15.51
CA ARG I 199 10.81 42.06 -15.55
C ARG I 199 10.25 42.83 -14.40
N ASP I 200 9.22 42.31 -13.74
CA ASP I 200 8.94 42.70 -12.38
C ASP I 200 9.76 41.76 -11.51
N ARG I 201 10.21 42.24 -10.36
CA ARG I 201 11.12 41.46 -9.50
C ARG I 201 10.32 40.31 -8.91
N GLN I 202 10.66 39.10 -9.33
CA GLN I 202 9.78 37.95 -9.12
C GLN I 202 10.60 36.75 -8.76
N PHE I 203 11.53 36.38 -9.63
CA PHE I 203 12.58 35.43 -9.27
C PHE I 203 13.25 35.64 -7.92
N GLU I 204 13.35 36.89 -7.46
CA GLU I 204 13.66 37.17 -6.06
C GLU I 204 12.82 36.41 -5.03
N LYS I 205 11.51 36.25 -5.23
CA LYS I 205 10.63 35.49 -4.27
C LYS I 205 10.60 33.95 -4.48
N ASP I 206 11.44 33.46 -5.38
CA ASP I 206 11.34 32.11 -5.88
C ASP I 206 12.19 31.22 -5.02
N ARG I 207 11.72 29.99 -4.79
CA ARG I 207 12.34 29.15 -3.78
C ARG I 207 12.63 27.81 -4.34
N SER I 208 12.89 27.80 -5.63
CA SER I 208 12.81 26.59 -6.41
C SER I 208 13.96 25.65 -6.17
N PHE I 209 15.12 26.22 -5.85
CA PHE I 209 16.31 25.42 -5.57
C PHE I 209 16.20 24.66 -4.24
N GLU I 210 15.56 25.32 -3.28
CA GLU I 210 15.26 24.69 -2.02
C GLU I 210 14.22 23.64 -2.26
N ILE I 211 13.15 24.05 -2.94
CA ILE I 211 12.07 23.17 -3.32
C ILE I 211 12.60 21.91 -3.99
N ILE I 212 13.57 22.07 -4.90
CA ILE I 212 14.12 20.89 -5.56
C ILE I 212 14.58 19.85 -4.53
N ASN I 213 15.37 20.31 -3.57
CA ASN I 213 16.03 19.41 -2.63
C ASN I 213 15.04 18.71 -1.69
N VAL I 214 13.94 19.39 -1.36
CA VAL I 214 12.89 18.74 -0.61
C VAL I 214 12.24 17.61 -1.46
N LEU I 215 12.07 17.82 -2.76
CA LEU I 215 11.54 16.77 -3.62
C LEU I 215 12.46 15.57 -3.69
N LEU I 216 13.76 15.84 -3.80
CA LEU I 216 14.76 14.78 -3.78
C LEU I 216 14.76 13.97 -2.46
N GLU I 217 14.69 14.67 -1.32
CA GLU I 217 14.63 13.95 -0.07
C GLU I 217 13.34 13.11 -0.04
N LEU I 218 12.23 13.62 -0.60
CA LEU I 218 10.97 12.83 -0.70
C LEU I 218 11.03 11.60 -1.59
N ASP I 219 12.00 11.56 -2.50
CA ASP I 219 12.25 10.42 -3.37
C ASP I 219 13.50 9.62 -2.89
N ASN I 220 13.86 9.80 -1.61
CA ASN I 220 14.96 9.03 -0.96
C ASN I 220 16.29 9.16 -1.68
N LYS I 221 16.55 10.36 -2.18
CA LYS I 221 17.78 10.72 -2.91
C LYS I 221 18.62 11.84 -2.24
N VAL I 222 19.89 11.89 -2.61
CA VAL I 222 20.79 12.87 -2.03
C VAL I 222 20.54 14.25 -2.64
N PRO I 223 20.52 15.31 -1.78
CA PRO I 223 20.32 16.69 -2.31
C PRO I 223 21.47 17.22 -3.11
N ILE I 224 21.19 18.27 -3.87
CA ILE I 224 22.18 18.90 -4.72
C ILE I 224 22.96 19.85 -3.86
N ASN I 225 24.27 19.82 -3.98
CA ASN I 225 25.08 20.79 -3.32
C ASN I 225 25.18 22.03 -4.21
N TRP I 226 24.21 22.93 -4.08
CA TRP I 226 24.15 24.12 -4.97
C TRP I 226 25.36 25.01 -4.89
N ALA I 227 26.11 24.89 -3.80
CA ALA I 227 27.36 25.62 -3.62
C ALA I 227 28.49 25.22 -4.60
N GLN I 228 28.51 23.96 -5.09
CA GLN I 228 29.51 23.52 -6.08
C GLN I 228 29.49 24.31 -7.37
N GLY I 229 28.62 25.32 -7.46
CA GLY I 229 28.45 26.07 -8.70
C GLY I 229 29.12 27.42 -8.68
N PHE I 230 29.72 27.76 -7.56
CA PHE I 230 30.34 29.08 -7.41
C PHE I 230 31.74 29.06 -8.02
N ILE I 231 32.10 30.20 -8.62
CA ILE I 231 33.42 30.41 -9.20
C ILE I 231 34.02 31.51 -8.30
N TYR I 232 35.16 31.18 -7.69
CA TYR I 232 35.74 32.03 -6.65
C TYR I 232 36.77 32.96 -7.24
N MET J 3 5.78 34.36 -5.25
CA MET J 3 4.70 34.44 -4.21
C MET J 3 4.21 33.02 -3.75
N ALA J 4 3.87 32.17 -4.72
CA ALA J 4 3.33 30.82 -4.49
C ALA J 4 4.41 29.84 -4.06
N SER J 5 5.62 30.00 -4.61
CA SER J 5 6.64 29.04 -4.37
C SER J 5 7.18 29.08 -2.90
N SER J 6 6.88 30.10 -2.11
CA SER J 6 7.26 30.07 -0.69
C SER J 6 6.30 29.18 0.06
N ALA J 7 5.00 29.37 -0.18
CA ALA J 7 3.96 28.49 0.36
C ALA J 7 4.15 27.06 -0.13
N ASP J 8 4.43 26.86 -1.42
CA ASP J 8 4.82 25.55 -1.91
C ASP J 8 5.91 24.89 -1.01
N LEU J 9 6.98 25.62 -0.76
CA LEU J 9 8.09 25.05 -0.01
C LEU J 9 7.65 24.64 1.40
N THR J 10 6.83 25.47 2.04
CA THR J 10 6.29 25.19 3.35
C THR J 10 5.52 23.85 3.35
N ASN J 11 4.55 23.79 2.48
CA ASN J 11 3.88 22.58 2.23
C ASN J 11 4.79 21.36 1.99
N LEU J 12 5.82 21.48 1.16
CA LEU J 12 6.65 20.32 0.88
C LEU J 12 7.39 19.91 2.12
N LYS J 13 7.82 20.91 2.91
CA LYS J 13 8.44 20.66 4.19
C LYS J 13 7.53 19.93 5.17
N GLU J 14 6.27 20.33 5.27
CA GLU J 14 5.36 19.60 6.14
C GLU J 14 5.23 18.15 5.62
N LEU J 15 5.15 17.98 4.31
CA LEU J 15 4.95 16.65 3.73
C LEU J 15 6.17 15.74 4.05
N LEU J 16 7.38 16.30 3.94
CA LEU J 16 8.59 15.58 4.23
C LEU J 16 8.65 15.20 5.68
N SER J 17 8.32 16.15 6.54
CA SER J 17 8.25 15.92 7.96
C SER J 17 7.27 14.78 8.30
N LEU J 18 6.06 14.84 7.74
CA LEU J 18 5.07 13.79 7.99
C LEU J 18 5.53 12.47 7.51
N TYR J 19 6.11 12.46 6.31
CA TYR J 19 6.67 11.24 5.76
C TYR J 19 7.62 10.59 6.76
N LYS J 20 8.47 11.41 7.38
CA LYS J 20 9.44 10.92 8.37
C LYS J 20 8.82 10.42 9.69
N SER J 21 7.77 11.10 10.20
CA SER J 21 7.11 10.79 11.48
C SER J 21 6.07 9.70 11.44
N LEU J 22 5.43 9.55 10.30
CA LEU J 22 4.14 8.88 10.25
C LEU J 22 4.18 7.48 10.83
N ARG J 23 3.14 7.15 11.59
CA ARG J 23 2.95 5.83 12.12
C ARG J 23 1.67 5.26 11.56
N PHE J 24 1.76 4.10 10.94
CA PHE J 24 0.58 3.50 10.33
C PHE J 24 -0.61 3.32 11.29
N SER J 25 -0.39 3.36 12.60
CA SER J 25 -1.47 3.29 13.61
C SER J 25 -2.20 4.60 13.89
N ASP J 26 -1.71 5.68 13.32
CA ASP J 26 -2.25 6.99 13.56
C ASP J 26 -3.07 7.45 12.33
N SER J 27 -4.36 7.09 12.40
CA SER J 27 -5.30 7.33 11.31
C SER J 27 -5.41 8.81 10.92
N ALA J 28 -5.27 9.73 11.88
CA ALA J 28 -5.42 11.18 11.58
C ALA J 28 -4.17 11.74 10.85
N ALA J 29 -3.01 11.40 11.37
CA ALA J 29 -1.78 11.72 10.66
C ALA J 29 -1.83 11.20 9.21
N ILE J 30 -2.30 9.94 9.03
CA ILE J 30 -2.46 9.35 7.69
C ILE J 30 -3.32 10.19 6.75
N GLU J 31 -4.43 10.72 7.29
CA GLU J 31 -5.32 11.54 6.51
C GLU J 31 -4.65 12.85 6.10
N LYS J 32 -3.94 13.51 7.01
CA LYS J 32 -3.22 14.74 6.63
C LYS J 32 -2.07 14.43 5.62
N TYR J 33 -1.34 13.38 5.87
CA TYR J 33 -0.27 12.96 4.99
C TYR J 33 -0.78 12.71 3.58
N ASN J 34 -1.86 11.94 3.48
CA ASN J 34 -2.44 11.61 2.19
C ASN J 34 -2.91 12.83 1.43
N SER J 35 -3.51 13.72 2.18
CA SER J 35 -3.85 15.04 1.70
C SER J 35 -2.65 15.75 1.03
N LEU J 36 -1.54 15.95 1.75
CA LEU J 36 -0.35 16.57 1.13
C LEU J 36 0.20 15.76 -0.10
N VAL J 37 0.09 14.43 -0.09
CA VAL J 37 0.53 13.67 -1.25
C VAL J 37 -0.32 14.01 -2.48
N GLU J 38 -1.62 14.14 -2.27
CA GLU J 38 -2.52 14.52 -3.36
C GLU J 38 -2.11 15.90 -3.89
N TRP J 39 -1.97 16.87 -2.99
CA TRP J 39 -1.51 18.22 -3.33
C TRP J 39 -0.13 18.29 -4.04
N GLY J 40 0.79 17.53 -3.50
CA GLY J 40 2.11 17.46 -4.07
C GLY J 40 2.06 16.92 -5.49
N THR J 41 1.28 15.87 -5.65
CA THR J 41 1.21 15.10 -6.90
C THR J 41 0.58 15.95 -7.98
N SER J 42 -0.55 16.57 -7.67
CA SER J 42 -1.19 17.46 -8.62
C SER J 42 -0.21 18.61 -8.95
N THR J 43 0.37 19.26 -7.93
CA THR J 43 1.26 20.39 -8.16
C THR J 43 2.50 20.13 -9.01
N TYR J 44 3.20 19.02 -8.79
CA TYR J 44 4.52 18.80 -9.45
C TYR J 44 4.48 17.56 -10.30
N TRP J 45 3.26 17.11 -10.62
CA TRP J 45 2.99 15.99 -11.55
C TRP J 45 3.20 14.60 -10.94
N LYS J 46 4.42 14.34 -10.50
CA LYS J 46 4.86 13.10 -9.85
C LYS J 46 5.81 13.42 -8.69
N ILE J 47 5.73 12.62 -7.59
CA ILE J 47 6.67 12.73 -6.44
C ILE J 47 7.05 11.37 -5.82
N GLY J 48 8.06 11.32 -4.96
CA GLY J 48 8.60 10.04 -4.47
C GLY J 48 7.79 9.26 -3.47
N VAL J 49 6.89 9.96 -2.79
CA VAL J 49 5.94 9.32 -1.89
C VAL J 49 4.53 9.07 -2.50
N GLN J 50 3.87 8.01 -2.03
CA GLN J 50 2.53 7.58 -2.45
C GLN J 50 1.61 7.71 -1.24
N LYS J 51 0.31 7.64 -1.47
CA LYS J 51 -0.61 7.60 -0.34
C LYS J 51 -0.51 6.23 0.38
N VAL J 52 -1.14 6.16 1.54
CA VAL J 52 -1.24 4.95 2.36
C VAL J 52 -2.72 4.54 2.48
#